data_7ESX
#
_entry.id   7ESX
#
_cell.length_a   56.671
_cell.length_b   63.376
_cell.length_c   66.716
_cell.angle_alpha   82.590
_cell.angle_beta   70.210
_cell.angle_gamma   89.370
#
_symmetry.space_group_name_H-M   'P 1'
#
loop_
_entity.id
_entity.type
_entity.pdbx_description
1 polymer 'Bacteria factor 1'
2 water water
#
_entity_poly.entity_id   1
_entity_poly.type   'polypeptide(L)'
_entity_poly.pdbx_seq_one_letter_code
;MPTQKELRDTMSKKLQEAIKHPDPAVVAGRKSAIKRWVGVLQDNFMEHIKYFKGDKLKFLHNVFQDEGCWSGVRLDNAAL
GQRFTEEKIGGIDNPLRKYEMACSYCVVDKIHPLFQKRFESYRNKFPPGAFDGKTETEFGKYVRNSLLDSIKRKGPVFDF
WIDRESGELKKYDAVEGFDSAVKFKWSEGVEYFYNHLKEEDKEKKLTEAILALSRVQSVEKDAPILDFCVNKIVDKDTLL
QKLSQKDKGVYSLFAELIESCFFDTVHDLVQCWCYKEVSAGGDHSEKIFSQRDYELFLSSLSDTMLKNPELSVQARSLIM
EFWECGSLYQYRKAAVNTSNYTVPTSGVFAELIVNWRREDIYKTDEEKEIEKKEILDMMSFAKDCFPEKFELFKKLIIRD
LRLCGREGKRVNVDYGLFAEELFSELEKTILPPGPVGDGPCSNLRSRSKAHGSKKTTLPVDDSPQSELGTPSVSGVSSYK
KKSVFTLSGNKLEHHHHHH
;
_entity_poly.pdbx_strand_id   A,B
#
# COMPACT_ATOMS: atom_id res chain seq x y z
N PRO A 2 19.67 -28.16 -14.94
CA PRO A 2 19.18 -27.75 -13.62
C PRO A 2 18.01 -28.62 -13.14
N THR A 3 17.74 -28.56 -11.84
CA THR A 3 16.54 -29.15 -11.27
C THR A 3 15.30 -28.35 -11.65
N GLN A 4 14.12 -28.94 -11.40
CA GLN A 4 12.88 -28.25 -11.66
C GLN A 4 12.76 -26.96 -10.83
N LYS A 5 13.24 -27.01 -9.59
CA LYS A 5 13.24 -25.82 -8.74
C LYS A 5 14.08 -24.71 -9.35
N GLU A 6 15.26 -25.06 -9.85
CA GLU A 6 16.11 -24.08 -10.50
C GLU A 6 15.47 -23.56 -11.79
N LEU A 7 14.78 -24.44 -12.53
CA LEU A 7 14.12 -23.97 -13.75
C LEU A 7 12.98 -23.01 -13.42
N ARG A 8 12.26 -23.26 -12.33
CA ARG A 8 11.20 -22.33 -11.93
C ARG A 8 11.80 -20.99 -11.52
N ASP A 9 12.88 -21.03 -10.74
CA ASP A 9 13.50 -19.79 -10.31
C ASP A 9 14.04 -19.00 -11.50
N THR A 10 14.59 -19.72 -12.49
CA THR A 10 15.07 -19.09 -13.72
C THR A 10 13.91 -18.46 -14.49
N MET A 11 12.78 -19.18 -14.58
CA MET A 11 11.62 -18.63 -15.28
C MET A 11 11.05 -17.43 -14.53
N SER A 12 10.95 -17.50 -13.19
CA SER A 12 10.51 -16.32 -12.43
C SER A 12 11.41 -15.13 -12.67
N LYS A 13 12.73 -15.35 -12.59
CA LYS A 13 13.66 -14.23 -12.74
C LYS A 13 13.52 -13.62 -14.12
N LYS A 14 13.26 -14.45 -15.13
CA LYS A 14 13.12 -13.96 -16.50
C LYS A 14 11.86 -13.11 -16.64
N LEU A 15 10.74 -13.58 -16.09
CA LEU A 15 9.51 -12.80 -16.17
C LEU A 15 9.60 -11.55 -15.31
N GLN A 16 10.37 -11.59 -14.21
CA GLN A 16 10.56 -10.41 -13.40
C GLN A 16 11.24 -9.29 -14.18
N GLU A 17 11.89 -9.58 -15.32
CA GLU A 17 12.45 -8.51 -16.14
C GLU A 17 11.38 -7.57 -16.66
N ALA A 18 10.11 -7.99 -16.64
CA ALA A 18 9.03 -7.14 -17.10
C ALA A 18 8.70 -5.99 -16.14
N ILE A 19 9.15 -6.06 -14.88
CA ILE A 19 8.69 -5.17 -13.83
C ILE A 19 9.58 -3.94 -13.73
N LYS A 20 9.02 -2.77 -14.00
CA LYS A 20 9.66 -1.47 -13.78
C LYS A 20 8.64 -0.51 -13.18
N HIS A 21 9.04 0.24 -12.15
CA HIS A 21 8.14 1.14 -11.46
C HIS A 21 8.94 2.07 -10.56
N PRO A 22 8.55 3.34 -10.43
CA PRO A 22 9.35 4.28 -9.60
C PRO A 22 9.41 3.91 -8.13
N ASP A 23 8.36 3.28 -7.60
CA ASP A 23 8.30 2.95 -6.19
C ASP A 23 8.98 1.60 -5.95
N PRO A 24 10.07 1.56 -5.17
CA PRO A 24 10.75 0.27 -4.94
C PRO A 24 9.88 -0.76 -4.25
N ALA A 25 8.95 -0.34 -3.37
CA ALA A 25 8.07 -1.33 -2.75
C ALA A 25 7.13 -1.96 -3.78
N VAL A 26 6.73 -1.20 -4.80
CA VAL A 26 5.90 -1.74 -5.86
C VAL A 26 6.68 -2.73 -6.72
N VAL A 27 7.92 -2.38 -7.07
CA VAL A 27 8.76 -3.31 -7.82
C VAL A 27 8.92 -4.62 -7.06
N ALA A 28 9.27 -4.53 -5.78
CA ALA A 28 9.50 -5.73 -5.00
C ALA A 28 8.23 -6.57 -4.88
N GLY A 29 7.11 -5.92 -4.60
CA GLY A 29 5.88 -6.65 -4.45
C GLY A 29 5.44 -7.31 -5.74
N ARG A 30 5.61 -6.63 -6.88
CA ARG A 30 5.21 -7.23 -8.16
C ARG A 30 6.14 -8.36 -8.54
N LYS A 31 7.43 -8.24 -8.24
CA LYS A 31 8.34 -9.35 -8.50
C LYS A 31 7.98 -10.57 -7.65
N SER A 32 7.59 -10.36 -6.39
CA SER A 32 7.16 -11.51 -5.60
C SER A 32 5.88 -12.12 -6.15
N ALA A 33 4.96 -11.29 -6.68
CA ALA A 33 3.75 -11.80 -7.31
C ALA A 33 4.06 -12.66 -8.54
N ILE A 34 5.07 -12.27 -9.33
CA ILE A 34 5.48 -13.09 -10.46
C ILE A 34 6.00 -14.44 -9.98
N LYS A 35 6.82 -14.43 -8.93
CA LYS A 35 7.35 -15.70 -8.42
C LYS A 35 6.21 -16.60 -7.92
N ARG A 36 5.21 -16.04 -7.25
CA ARG A 36 4.09 -16.88 -6.83
C ARG A 36 3.30 -17.42 -8.03
N TRP A 37 3.17 -16.60 -9.08
CA TRP A 37 2.45 -17.04 -10.29
C TRP A 37 3.18 -18.22 -10.96
N VAL A 38 4.50 -18.14 -11.09
CA VAL A 38 5.27 -19.25 -11.65
C VAL A 38 5.19 -20.46 -10.72
N GLY A 39 5.39 -20.22 -9.43
CA GLY A 39 5.45 -21.25 -8.41
C GLY A 39 6.82 -21.30 -7.78
N VAL A 40 6.89 -21.51 -6.46
CA VAL A 40 8.18 -21.48 -5.78
C VAL A 40 8.62 -22.89 -5.41
N LEU A 41 7.96 -23.48 -4.40
CA LEU A 41 8.28 -24.85 -3.99
C LEU A 41 7.59 -25.90 -4.85
N GLN A 42 6.54 -25.53 -5.59
CA GLN A 42 5.81 -26.40 -6.49
C GLN A 42 5.48 -25.60 -7.75
N ASP A 43 5.25 -26.32 -8.85
CA ASP A 43 4.74 -25.64 -10.04
C ASP A 43 3.38 -25.01 -9.76
N ASN A 44 3.23 -23.73 -10.16
CA ASN A 44 1.92 -23.10 -10.28
C ASN A 44 1.67 -22.95 -11.77
N PHE A 45 1.90 -21.78 -12.37
CA PHE A 45 1.70 -21.74 -13.82
C PHE A 45 2.93 -22.20 -14.60
N MET A 46 4.02 -22.57 -13.90
CA MET A 46 5.18 -23.17 -14.55
C MET A 46 4.77 -24.34 -15.43
N GLU A 47 3.77 -25.11 -14.99
CA GLU A 47 3.36 -26.28 -15.75
C GLU A 47 2.99 -25.92 -17.18
N HIS A 48 2.44 -24.73 -17.38
CA HIS A 48 1.96 -24.30 -18.69
C HIS A 48 3.07 -23.72 -19.56
N ILE A 49 4.08 -23.10 -18.95
CA ILE A 49 5.01 -22.23 -19.66
C ILE A 49 6.41 -22.78 -19.69
N LYS A 50 6.63 -23.99 -19.17
CA LYS A 50 7.98 -24.49 -18.89
C LYS A 50 8.92 -24.36 -20.08
N TYR A 51 8.46 -24.67 -21.28
CA TYR A 51 9.38 -24.72 -22.41
C TYR A 51 9.30 -23.49 -23.31
N PHE A 52 8.64 -22.43 -22.87
CA PHE A 52 8.49 -21.24 -23.69
C PHE A 52 9.83 -20.54 -23.91
N LYS A 53 10.07 -20.15 -25.17
CA LYS A 53 11.19 -19.30 -25.54
C LYS A 53 10.70 -18.32 -26.59
N GLY A 54 11.58 -17.39 -26.98
CA GLY A 54 11.28 -16.50 -28.10
C GLY A 54 9.96 -15.74 -27.94
N ASP A 55 9.13 -15.78 -28.98
CA ASP A 55 7.88 -15.03 -28.96
C ASP A 55 6.92 -15.58 -27.91
N LYS A 56 7.03 -16.86 -27.55
CA LYS A 56 6.13 -17.36 -26.51
C LYS A 56 6.42 -16.70 -25.17
N LEU A 57 7.70 -16.54 -24.85
CA LEU A 57 8.05 -15.82 -23.62
C LEU A 57 7.72 -14.34 -23.76
N LYS A 58 7.91 -13.78 -24.95
CA LYS A 58 7.69 -12.36 -25.13
C LYS A 58 6.23 -11.99 -24.88
N PHE A 59 5.31 -12.88 -25.26
CA PHE A 59 3.89 -12.65 -25.00
C PHE A 59 3.65 -12.48 -23.50
N LEU A 60 4.23 -13.37 -22.69
CA LEU A 60 4.07 -13.28 -21.23
C LEU A 60 4.73 -12.02 -20.68
N HIS A 61 5.94 -11.70 -21.17
CA HIS A 61 6.61 -10.47 -20.77
C HIS A 61 5.73 -9.26 -20.99
N ASN A 62 5.09 -9.19 -22.15
CA ASN A 62 4.30 -8.01 -22.48
C ASN A 62 3.05 -7.92 -21.61
N VAL A 63 2.48 -9.06 -21.24
CA VAL A 63 1.35 -9.08 -20.31
C VAL A 63 1.76 -8.52 -18.95
N PHE A 64 2.87 -9.00 -18.41
CA PHE A 64 3.26 -8.54 -17.07
C PHE A 64 3.79 -7.11 -17.09
N GLN A 65 4.22 -6.62 -18.25
CA GLN A 65 4.61 -5.22 -18.39
C GLN A 65 3.40 -4.29 -18.46
N ASP A 66 2.22 -4.81 -18.74
CA ASP A 66 1.02 -3.98 -18.92
C ASP A 66 0.53 -3.53 -17.56
N GLU A 67 0.51 -2.21 -17.34
CA GLU A 67 0.09 -1.66 -16.06
C GLU A 67 -1.34 -2.05 -15.72
N GLY A 68 -2.17 -2.35 -16.73
CA GLY A 68 -3.57 -2.74 -16.50
C GLY A 68 -3.73 -4.12 -15.89
N CYS A 69 -2.67 -4.92 -15.85
CA CYS A 69 -2.70 -6.25 -15.26
C CYS A 69 -2.35 -6.28 -13.79
N TRP A 70 -2.19 -5.11 -13.17
CA TRP A 70 -1.76 -5.00 -11.78
C TRP A 70 -2.74 -4.16 -11.01
N SER A 71 -2.99 -4.58 -9.77
CA SER A 71 -3.71 -3.79 -8.77
C SER A 71 -2.74 -3.64 -7.60
N GLY A 72 -1.99 -2.53 -7.61
CA GLY A 72 -0.90 -2.33 -6.67
C GLY A 72 0.20 -3.33 -6.92
N VAL A 73 0.49 -4.18 -5.93
CA VAL A 73 1.53 -5.19 -6.09
C VAL A 73 0.96 -6.57 -6.36
N ARG A 74 -0.34 -6.68 -6.59
CA ARG A 74 -0.95 -7.97 -6.87
C ARG A 74 -1.50 -8.01 -8.28
N LEU A 75 -1.46 -9.20 -8.88
CA LEU A 75 -2.03 -9.36 -10.21
C LEU A 75 -3.54 -9.13 -10.20
N ASP A 76 -4.02 -8.43 -11.24
CA ASP A 76 -5.45 -8.19 -11.44
C ASP A 76 -5.99 -9.35 -12.25
N ASN A 77 -6.67 -10.30 -11.59
CA ASN A 77 -7.03 -11.54 -12.27
C ASN A 77 -8.05 -11.32 -13.37
N ALA A 78 -8.98 -10.37 -13.22
CA ALA A 78 -9.91 -10.12 -14.30
C ALA A 78 -9.19 -9.65 -15.56
N ALA A 79 -8.21 -8.76 -15.40
CA ALA A 79 -7.45 -8.29 -16.55
C ALA A 79 -6.55 -9.39 -17.10
N LEU A 80 -5.89 -10.17 -16.23
CA LEU A 80 -5.05 -11.26 -16.72
C LEU A 80 -5.86 -12.26 -17.52
N GLY A 81 -7.04 -12.60 -17.02
CA GLY A 81 -7.87 -13.56 -17.72
C GLY A 81 -8.20 -13.11 -19.13
N GLN A 82 -8.46 -11.81 -19.30
CA GLN A 82 -8.74 -11.29 -20.63
C GLN A 82 -7.52 -11.44 -21.53
N ARG A 83 -6.33 -11.06 -21.03
CA ARG A 83 -5.13 -11.14 -21.85
C ARG A 83 -4.84 -12.59 -22.23
N PHE A 84 -4.95 -13.52 -21.27
CA PHE A 84 -4.55 -14.89 -21.46
C PHE A 84 -5.53 -15.68 -22.32
N THR A 85 -6.68 -15.10 -22.67
CA THR A 85 -7.64 -15.76 -23.56
C THR A 85 -7.75 -15.05 -24.91
N GLU A 86 -6.93 -14.03 -25.16
CA GLU A 86 -6.91 -13.37 -26.46
C GLU A 86 -6.20 -14.25 -27.48
N GLU A 87 -6.57 -14.09 -28.76
CA GLU A 87 -5.85 -14.81 -29.81
C GLU A 87 -4.44 -14.27 -30.00
N LYS A 88 -4.29 -12.95 -29.98
CA LYS A 88 -3.00 -12.32 -30.19
C LYS A 88 -3.00 -10.97 -29.50
N ILE A 89 -1.83 -10.50 -29.11
CA ILE A 89 -1.68 -9.19 -28.48
C ILE A 89 -0.42 -8.53 -29.03
N GLY A 90 -0.57 -7.33 -29.56
CA GLY A 90 0.58 -6.60 -30.07
C GLY A 90 1.31 -7.34 -31.16
N GLY A 91 0.58 -8.07 -31.99
CA GLY A 91 1.17 -8.81 -33.08
C GLY A 91 1.84 -10.10 -32.69
N ILE A 92 1.67 -10.56 -31.46
CA ILE A 92 2.24 -11.81 -31.00
C ILE A 92 1.11 -12.77 -30.65
N ASP A 93 1.16 -13.96 -31.25
CA ASP A 93 0.15 -14.97 -30.97
C ASP A 93 0.22 -15.42 -29.51
N ASN A 94 -0.94 -15.66 -28.94
CA ASN A 94 -1.03 -16.21 -27.60
C ASN A 94 -0.57 -17.65 -27.60
N PRO A 95 0.49 -18.00 -26.86
CA PRO A 95 1.00 -19.38 -26.85
C PRO A 95 0.33 -20.31 -25.85
N LEU A 96 -0.58 -19.82 -25.02
CA LEU A 96 -1.15 -20.60 -23.93
C LEU A 96 -2.30 -21.49 -24.41
N ARG A 97 -2.61 -22.50 -23.60
CA ARG A 97 -3.80 -23.32 -23.80
C ARG A 97 -5.00 -22.50 -23.32
N LYS A 98 -5.75 -21.97 -24.27
CA LYS A 98 -6.68 -20.90 -23.92
C LYS A 98 -7.87 -21.40 -23.12
N TYR A 99 -8.40 -22.58 -23.43
CA TYR A 99 -9.50 -23.11 -22.62
C TYR A 99 -9.05 -23.25 -21.16
N GLU A 100 -7.85 -23.77 -20.93
CA GLU A 100 -7.37 -23.92 -19.56
C GLU A 100 -7.20 -22.58 -18.87
N MET A 101 -6.70 -21.56 -19.59
CA MET A 101 -6.59 -20.22 -18.99
C MET A 101 -7.97 -19.65 -18.68
N ALA A 102 -8.93 -19.88 -19.57
CA ALA A 102 -10.27 -19.35 -19.33
C ALA A 102 -10.89 -19.99 -18.09
N CYS A 103 -10.62 -21.28 -17.88
CA CYS A 103 -11.12 -21.96 -16.68
C CYS A 103 -10.48 -21.38 -15.44
N SER A 104 -9.14 -21.28 -15.46
CA SER A 104 -8.40 -20.84 -14.28
C SER A 104 -8.78 -19.42 -13.88
N TYR A 105 -8.99 -18.54 -14.85
CA TYR A 105 -9.28 -17.14 -14.59
C TYR A 105 -10.78 -16.83 -14.66
N CYS A 106 -11.63 -17.85 -14.76
CA CYS A 106 -13.07 -17.64 -14.68
C CYS A 106 -13.56 -16.67 -15.75
N VAL A 107 -13.06 -16.84 -16.97
CA VAL A 107 -13.44 -15.99 -18.11
C VAL A 107 -14.70 -16.60 -18.69
N VAL A 108 -15.83 -16.39 -17.99
CA VAL A 108 -17.01 -17.21 -18.25
C VAL A 108 -17.63 -16.97 -19.63
N ASP A 109 -17.34 -15.84 -20.29
CA ASP A 109 -17.86 -15.65 -21.65
C ASP A 109 -17.08 -16.44 -22.69
N LYS A 110 -15.89 -16.92 -22.37
CA LYS A 110 -15.03 -17.59 -23.33
C LYS A 110 -14.85 -19.06 -23.05
N ILE A 111 -15.20 -19.54 -21.86
CA ILE A 111 -14.93 -20.93 -21.52
C ILE A 111 -15.60 -21.87 -22.52
N HIS A 112 -16.87 -21.61 -22.82
CA HIS A 112 -17.59 -22.53 -23.71
C HIS A 112 -17.08 -22.49 -25.13
N PRO A 113 -16.93 -21.33 -25.80
CA PRO A 113 -16.42 -21.38 -27.17
C PRO A 113 -14.99 -21.89 -27.27
N LEU A 114 -14.15 -21.62 -26.26
CA LEU A 114 -12.80 -22.20 -26.25
C LEU A 114 -12.85 -23.70 -26.05
N PHE A 115 -13.76 -24.19 -25.21
CA PHE A 115 -13.89 -25.64 -25.09
C PHE A 115 -14.37 -26.28 -26.39
N GLN A 116 -15.23 -25.59 -27.15
CA GLN A 116 -15.73 -26.16 -28.41
C GLN A 116 -14.60 -26.36 -29.41
N LYS A 117 -13.65 -25.42 -29.47
CA LYS A 117 -12.51 -25.60 -30.37
C LYS A 117 -11.65 -26.75 -29.93
N ARG A 118 -11.45 -26.90 -28.61
CA ARG A 118 -10.73 -28.05 -28.08
C ARG A 118 -11.47 -29.33 -28.38
N PHE A 119 -12.79 -29.32 -28.21
CA PHE A 119 -13.61 -30.50 -28.47
C PHE A 119 -13.54 -30.91 -29.94
N GLU A 120 -13.55 -29.93 -30.84
CA GLU A 120 -13.59 -30.27 -32.26
C GLU A 120 -12.29 -30.89 -32.73
N SER A 121 -11.15 -30.38 -32.26
CA SER A 121 -9.87 -30.96 -32.61
C SER A 121 -9.68 -32.33 -31.96
N TYR A 122 -10.10 -32.47 -30.71
CA TYR A 122 -10.03 -33.79 -30.06
C TYR A 122 -10.89 -34.80 -30.80
N ARG A 123 -12.05 -34.37 -31.30
CA ARG A 123 -12.92 -35.28 -32.03
C ARG A 123 -12.25 -35.77 -33.32
N ASN A 124 -11.27 -35.03 -33.83
CA ASN A 124 -10.59 -35.36 -35.08
C ASN A 124 -9.68 -36.57 -34.99
N LYS A 125 -9.45 -37.12 -33.79
CA LYS A 125 -8.64 -38.34 -33.69
C LYS A 125 -9.50 -39.59 -33.79
N PHE A 126 -10.82 -39.43 -33.81
CA PHE A 126 -11.78 -40.48 -34.07
C PHE A 126 -12.11 -40.53 -35.56
N PRO A 127 -12.61 -41.65 -36.08
CA PRO A 127 -12.86 -41.72 -37.51
C PRO A 127 -13.81 -40.64 -37.95
N PRO A 128 -13.69 -40.18 -39.21
CA PRO A 128 -14.52 -39.05 -39.66
C PRO A 128 -16.01 -39.34 -39.79
N GLY A 129 -16.40 -40.60 -39.93
CA GLY A 129 -17.81 -40.94 -40.08
C GLY A 129 -18.54 -40.97 -38.76
N ALA A 130 -19.70 -41.64 -38.78
CA ALA A 130 -20.38 -41.95 -37.54
C ALA A 130 -19.59 -43.04 -36.80
N PHE A 131 -19.60 -42.97 -35.48
CA PHE A 131 -18.75 -43.81 -34.65
C PHE A 131 -19.63 -44.84 -33.94
N ASP A 132 -19.46 -46.11 -34.31
CA ASP A 132 -20.12 -47.25 -33.66
C ASP A 132 -21.64 -47.19 -33.79
N GLY A 133 -22.15 -46.47 -34.78
CA GLY A 133 -23.59 -46.33 -34.93
C GLY A 133 -24.26 -45.48 -33.87
N LYS A 134 -23.51 -44.80 -33.01
CA LYS A 134 -24.14 -43.96 -32.00
C LYS A 134 -24.73 -42.71 -32.64
N THR A 135 -25.75 -42.15 -31.98
CA THR A 135 -26.32 -40.90 -32.46
C THR A 135 -25.33 -39.76 -32.24
N GLU A 136 -25.62 -38.63 -32.88
CA GLU A 136 -24.73 -37.48 -32.73
C GLU A 136 -24.71 -36.99 -31.29
N THR A 137 -25.85 -37.01 -30.61
CA THR A 137 -25.86 -36.61 -29.20
C THR A 137 -25.06 -37.59 -28.35
N GLU A 138 -25.30 -38.89 -28.54
CA GLU A 138 -24.53 -39.90 -27.82
C GLU A 138 -23.03 -39.73 -28.07
N PHE A 139 -22.64 -39.53 -29.34
CA PHE A 139 -21.24 -39.42 -29.67
C PHE A 139 -20.63 -38.14 -29.12
N GLY A 140 -21.40 -37.04 -29.12
CA GLY A 140 -20.90 -35.81 -28.54
C GLY A 140 -20.68 -35.92 -27.03
N LYS A 141 -21.61 -36.59 -26.34
CA LYS A 141 -21.45 -36.81 -24.92
C LYS A 141 -20.26 -37.70 -24.62
N TYR A 142 -20.00 -38.68 -25.51
CA TYR A 142 -18.89 -39.60 -25.29
C TYR A 142 -17.55 -38.92 -25.50
N VAL A 143 -17.41 -38.14 -26.57
CA VAL A 143 -16.15 -37.45 -26.83
C VAL A 143 -15.90 -36.38 -25.77
N ARG A 144 -16.96 -35.65 -25.39
CA ARG A 144 -16.79 -34.61 -24.38
C ARG A 144 -16.37 -35.20 -23.04
N ASN A 145 -16.99 -36.32 -22.64
CA ASN A 145 -16.62 -36.95 -21.38
C ASN A 145 -15.19 -37.48 -21.42
N SER A 146 -14.82 -38.09 -22.55
CA SER A 146 -13.46 -38.58 -22.70
C SER A 146 -12.45 -37.43 -22.62
N LEU A 147 -12.75 -36.31 -23.28
CA LEU A 147 -11.86 -35.17 -23.24
C LEU A 147 -11.77 -34.61 -21.83
N LEU A 148 -12.91 -34.45 -21.15
CA LEU A 148 -12.87 -33.87 -19.80
C LEU A 148 -12.21 -34.81 -18.79
N ASP A 149 -12.43 -36.13 -18.94
CA ASP A 149 -11.75 -37.09 -18.06
C ASP A 149 -10.25 -37.01 -18.25
N SER A 150 -9.79 -36.75 -19.47
CA SER A 150 -8.36 -36.59 -19.72
C SER A 150 -7.84 -35.30 -19.11
N ILE A 151 -8.54 -34.18 -19.29
CA ILE A 151 -8.05 -32.88 -18.82
C ILE A 151 -8.05 -32.81 -17.30
N LYS A 152 -8.97 -33.50 -16.63
CA LYS A 152 -9.12 -33.33 -15.19
C LYS A 152 -7.90 -33.84 -14.42
N ARG A 153 -7.03 -34.63 -15.07
CA ARG A 153 -5.78 -35.05 -14.44
C ARG A 153 -4.95 -33.84 -14.03
N LYS A 154 -5.07 -32.73 -14.76
CA LYS A 154 -4.30 -31.53 -14.45
C LYS A 154 -4.92 -30.68 -13.34
N GLY A 155 -6.12 -31.00 -12.89
CA GLY A 155 -6.71 -30.27 -11.80
C GLY A 155 -8.22 -30.15 -11.93
N PRO A 156 -8.92 -30.12 -10.79
CA PRO A 156 -10.39 -30.03 -10.84
C PRO A 156 -10.93 -28.77 -11.51
N VAL A 157 -10.12 -27.71 -11.62
CA VAL A 157 -10.60 -26.50 -12.29
C VAL A 157 -10.95 -26.77 -13.76
N PHE A 158 -10.26 -27.73 -14.39
CA PHE A 158 -10.43 -27.92 -15.83
C PHE A 158 -11.58 -28.85 -16.16
N ASP A 159 -12.30 -29.35 -15.14
CA ASP A 159 -13.53 -30.13 -15.29
C ASP A 159 -14.66 -29.52 -14.47
N PHE A 160 -14.53 -28.25 -14.13
CA PHE A 160 -15.47 -27.53 -13.25
C PHE A 160 -16.58 -26.81 -14.01
N TRP A 161 -16.30 -26.30 -15.20
CA TRP A 161 -17.19 -25.35 -15.87
C TRP A 161 -18.09 -25.95 -16.93
N ILE A 162 -17.84 -27.17 -17.38
CA ILE A 162 -18.54 -27.75 -18.52
C ILE A 162 -19.46 -28.85 -18.02
N ASP A 163 -20.76 -28.74 -18.32
CA ASP A 163 -21.70 -29.77 -17.92
C ASP A 163 -21.43 -31.05 -18.71
N ARG A 164 -21.28 -32.17 -18.00
CA ARG A 164 -20.99 -33.43 -18.69
C ARG A 164 -22.12 -33.86 -19.59
N GLU A 165 -23.37 -33.62 -19.16
CA GLU A 165 -24.53 -34.15 -19.89
C GLU A 165 -24.84 -33.31 -21.12
N SER A 166 -24.88 -31.99 -20.96
CA SER A 166 -25.32 -31.10 -22.05
C SER A 166 -24.17 -30.43 -22.79
N GLY A 167 -22.98 -30.39 -22.19
CA GLY A 167 -21.90 -29.62 -22.76
C GLY A 167 -21.99 -28.12 -22.53
N GLU A 168 -22.99 -27.66 -21.79
CA GLU A 168 -23.19 -26.24 -21.60
C GLU A 168 -22.32 -25.70 -20.47
N LEU A 169 -22.14 -24.38 -20.48
CA LEU A 169 -21.45 -23.72 -19.37
C LEU A 169 -22.27 -23.89 -18.09
N LYS A 170 -21.62 -24.37 -17.04
CA LYS A 170 -22.27 -24.57 -15.76
C LYS A 170 -22.34 -23.26 -14.97
N LYS A 171 -23.44 -23.07 -14.26
CA LYS A 171 -23.63 -21.93 -13.37
C LYS A 171 -23.53 -22.39 -11.92
N TYR A 172 -22.82 -21.60 -11.11
CA TYR A 172 -22.66 -21.92 -9.70
C TYR A 172 -23.19 -20.78 -8.84
N ASP A 173 -23.97 -21.13 -7.83
CA ASP A 173 -24.26 -20.22 -6.73
C ASP A 173 -22.94 -19.76 -6.12
N ALA A 174 -22.91 -18.51 -5.63
CA ALA A 174 -21.64 -17.93 -5.19
C ALA A 174 -21.06 -18.68 -4.01
N VAL A 175 -21.91 -19.14 -3.09
CA VAL A 175 -21.39 -19.84 -1.92
C VAL A 175 -20.80 -21.20 -2.32
N GLU A 176 -21.49 -21.93 -3.20
CA GLU A 176 -20.95 -23.22 -3.66
C GLU A 176 -19.63 -23.04 -4.41
N GLY A 177 -19.55 -22.04 -5.28
CA GLY A 177 -18.31 -21.80 -6.00
C GLY A 177 -17.18 -21.42 -5.07
N PHE A 178 -17.45 -20.52 -4.12
CA PHE A 178 -16.44 -20.10 -3.16
C PHE A 178 -15.91 -21.29 -2.38
N ASP A 179 -16.80 -22.14 -1.86
CA ASP A 179 -16.37 -23.30 -1.08
C ASP A 179 -15.55 -24.26 -1.94
N SER A 180 -15.97 -24.48 -3.19
CA SER A 180 -15.20 -25.34 -4.07
C SER A 180 -13.82 -24.77 -4.35
N ALA A 181 -13.74 -23.47 -4.60
CA ALA A 181 -12.45 -22.86 -4.91
C ALA A 181 -11.52 -22.91 -3.70
N VAL A 182 -12.04 -22.72 -2.49
CA VAL A 182 -11.22 -22.90 -1.30
C VAL A 182 -10.72 -24.34 -1.21
N LYS A 183 -11.60 -25.30 -1.48
CA LYS A 183 -11.22 -26.71 -1.45
C LYS A 183 -10.15 -27.01 -2.50
N PHE A 184 -10.28 -26.43 -3.69
CA PHE A 184 -9.30 -26.61 -4.76
C PHE A 184 -8.02 -25.82 -4.53
N LYS A 185 -7.95 -24.97 -3.49
CA LYS A 185 -6.86 -24.02 -3.31
C LYS A 185 -6.67 -23.19 -4.58
N TRP A 186 -7.79 -22.73 -5.13
CA TRP A 186 -7.88 -22.05 -6.42
C TRP A 186 -8.10 -20.58 -6.13
N SER A 187 -7.00 -19.82 -6.06
CA SER A 187 -7.11 -18.44 -5.56
C SER A 187 -7.90 -17.56 -6.51
N GLU A 188 -7.76 -17.78 -7.81
CA GLU A 188 -8.51 -16.99 -8.77
C GLU A 188 -10.01 -17.27 -8.63
N GLY A 189 -10.38 -18.53 -8.35
CA GLY A 189 -11.77 -18.85 -8.15
C GLY A 189 -12.32 -18.30 -6.86
N VAL A 190 -11.50 -18.29 -5.80
CA VAL A 190 -11.95 -17.69 -4.54
C VAL A 190 -12.33 -16.23 -4.76
N GLU A 191 -11.48 -15.49 -5.46
CA GLU A 191 -11.77 -14.07 -5.70
C GLU A 191 -12.99 -13.91 -6.61
N TYR A 192 -13.09 -14.75 -7.64
CA TYR A 192 -14.22 -14.65 -8.57
C TYR A 192 -15.54 -14.86 -7.83
N PHE A 193 -15.64 -15.91 -7.04
CA PHE A 193 -16.89 -16.17 -6.35
C PHE A 193 -17.11 -15.23 -5.17
N TYR A 194 -16.04 -14.77 -4.51
CA TYR A 194 -16.19 -13.75 -3.48
C TYR A 194 -16.94 -12.55 -4.02
N ASN A 195 -16.57 -12.10 -5.22
CA ASN A 195 -17.21 -10.93 -5.82
C ASN A 195 -18.70 -11.15 -6.08
N HIS A 196 -19.15 -12.42 -6.09
CA HIS A 196 -20.55 -12.71 -6.32
C HIS A 196 -21.32 -13.02 -5.04
N LEU A 197 -20.64 -13.12 -3.90
CA LEU A 197 -21.35 -13.35 -2.64
C LEU A 197 -22.22 -12.15 -2.29
N LYS A 198 -23.37 -12.43 -1.68
CA LYS A 198 -24.18 -11.37 -1.13
C LYS A 198 -23.39 -10.65 -0.03
N GLU A 199 -23.62 -9.34 0.09
CA GLU A 199 -22.84 -8.55 1.05
C GLU A 199 -22.95 -9.15 2.45
N GLU A 200 -24.16 -9.60 2.85
CA GLU A 200 -24.35 -10.12 4.19
C GLU A 200 -23.65 -11.46 4.44
N ASP A 201 -23.18 -12.14 3.38
CA ASP A 201 -22.49 -13.42 3.49
C ASP A 201 -20.97 -13.29 3.47
N LYS A 202 -20.43 -12.14 3.06
CA LYS A 202 -19.01 -12.06 2.75
C LYS A 202 -18.14 -12.30 3.98
N GLU A 203 -18.46 -11.64 5.10
CA GLU A 203 -17.61 -11.77 6.28
C GLU A 203 -17.57 -13.21 6.81
N LYS A 204 -18.73 -13.87 6.86
CA LYS A 204 -18.77 -15.25 7.34
C LYS A 204 -17.92 -16.17 6.46
N LYS A 205 -18.06 -16.04 5.14
CA LYS A 205 -17.30 -16.92 4.26
C LYS A 205 -15.81 -16.63 4.32
N LEU A 206 -15.42 -15.34 4.38
CA LEU A 206 -13.99 -15.04 4.50
C LEU A 206 -13.41 -15.61 5.79
N THR A 207 -14.17 -15.48 6.88
CA THR A 207 -13.69 -15.97 8.17
C THR A 207 -13.56 -17.49 8.17
N GLU A 208 -14.56 -18.19 7.59
CA GLU A 208 -14.47 -19.65 7.46
C GLU A 208 -13.20 -20.06 6.75
N ALA A 209 -12.90 -19.40 5.63
CA ALA A 209 -11.70 -19.73 4.85
C ALA A 209 -10.43 -19.50 5.65
N ILE A 210 -10.35 -18.37 6.36
CA ILE A 210 -9.14 -18.04 7.10
C ILE A 210 -8.94 -19.05 8.23
N LEU A 211 -10.00 -19.37 8.96
CA LEU A 211 -9.84 -20.36 10.03
C LEU A 211 -9.51 -21.74 9.49
N ALA A 212 -10.00 -22.09 8.32
CA ALA A 212 -9.73 -23.44 7.82
C ALA A 212 -8.28 -23.57 7.37
N LEU A 213 -7.74 -22.53 6.73
CA LEU A 213 -6.41 -22.57 6.12
C LEU A 213 -5.28 -22.17 7.08
N SER A 214 -5.60 -21.52 8.21
CA SER A 214 -4.58 -21.09 9.16
C SER A 214 -4.30 -22.24 10.13
N ARG A 215 -3.45 -23.16 9.67
CA ARG A 215 -3.09 -24.32 10.44
C ARG A 215 -1.67 -24.69 10.06
N VAL A 216 -1.01 -25.48 10.93
CA VAL A 216 0.37 -25.85 10.65
C VAL A 216 0.46 -26.74 9.41
N GLN A 217 -0.63 -27.37 9.00
CA GLN A 217 -0.62 -28.15 7.77
C GLN A 217 -0.67 -27.29 6.50
N SER A 218 -0.59 -25.97 6.61
CA SER A 218 -0.74 -25.10 5.44
C SER A 218 0.39 -25.33 4.43
N VAL A 219 0.07 -25.07 3.16
CA VAL A 219 1.01 -25.20 2.07
C VAL A 219 1.00 -23.91 1.25
N GLU A 220 1.95 -23.85 0.30
CA GLU A 220 2.19 -22.63 -0.47
C GLU A 220 0.93 -22.13 -1.19
N LYS A 221 0.10 -23.04 -1.73
CA LYS A 221 -1.09 -22.61 -2.45
C LYS A 221 -2.17 -22.04 -1.51
N ASP A 222 -2.04 -22.25 -0.20
CA ASP A 222 -2.96 -21.63 0.75
C ASP A 222 -2.71 -20.14 0.92
N ALA A 223 -1.45 -19.70 0.80
CA ALA A 223 -1.12 -18.33 1.15
C ALA A 223 -1.86 -17.26 0.34
N PRO A 224 -2.00 -17.36 -0.98
CA PRO A 224 -2.71 -16.30 -1.71
C PRO A 224 -4.17 -16.20 -1.29
N ILE A 225 -4.74 -17.32 -0.85
CA ILE A 225 -6.12 -17.29 -0.38
C ILE A 225 -6.22 -16.60 0.97
N LEU A 226 -5.32 -16.93 1.89
CA LEU A 226 -5.27 -16.23 3.18
C LEU A 226 -5.04 -14.74 3.00
N ASP A 227 -4.11 -14.37 2.11
CA ASP A 227 -3.85 -12.96 1.84
C ASP A 227 -5.09 -12.26 1.30
N PHE A 228 -5.74 -12.85 0.30
CA PHE A 228 -6.94 -12.24 -0.26
C PHE A 228 -8.00 -12.06 0.81
N CYS A 229 -8.27 -13.12 1.59
CA CYS A 229 -9.38 -13.08 2.52
C CYS A 229 -9.13 -12.09 3.65
N VAL A 230 -7.90 -12.07 4.15
CA VAL A 230 -7.54 -11.15 5.24
C VAL A 230 -7.68 -9.70 4.77
N ASN A 231 -7.33 -9.42 3.52
CA ASN A 231 -7.43 -8.05 3.06
C ASN A 231 -8.84 -7.64 2.69
N LYS A 232 -9.78 -8.57 2.61
CA LYS A 232 -11.17 -8.24 2.40
C LYS A 232 -11.97 -8.14 3.69
N ILE A 233 -11.45 -8.66 4.80
CA ILE A 233 -12.12 -8.57 6.09
C ILE A 233 -12.29 -7.12 6.49
N VAL A 234 -13.50 -6.73 6.89
CA VAL A 234 -13.74 -5.37 7.35
C VAL A 234 -13.43 -5.22 8.84
N ASP A 235 -13.76 -6.22 9.65
CA ASP A 235 -13.58 -6.17 11.11
C ASP A 235 -12.42 -7.07 11.53
N LYS A 236 -11.21 -6.51 11.58
CA LYS A 236 -10.04 -7.29 11.95
C LYS A 236 -10.07 -7.70 13.42
N ASP A 237 -10.72 -6.91 14.28
CA ASP A 237 -10.76 -7.27 15.69
C ASP A 237 -11.61 -8.52 15.92
N THR A 238 -12.75 -8.63 15.24
CA THR A 238 -13.54 -9.84 15.38
C THR A 238 -12.79 -11.05 14.81
N LEU A 239 -12.07 -10.85 13.71
CA LEU A 239 -11.29 -11.95 13.15
C LEU A 239 -10.27 -12.46 14.16
N LEU A 240 -9.59 -11.55 14.87
CA LEU A 240 -8.58 -12.00 15.83
C LEU A 240 -9.23 -12.81 16.94
N GLN A 241 -10.38 -12.37 17.44
CA GLN A 241 -11.11 -13.10 18.47
C GLN A 241 -11.38 -14.54 18.02
N LYS A 242 -11.79 -14.73 16.77
CA LYS A 242 -12.10 -16.06 16.29
C LYS A 242 -10.83 -16.87 16.07
N LEU A 243 -9.83 -16.27 15.43
CA LEU A 243 -8.59 -16.95 15.12
C LEU A 243 -7.79 -17.32 16.37
N SER A 244 -7.84 -16.49 17.41
CA SER A 244 -7.06 -16.77 18.59
C SER A 244 -7.60 -17.97 19.36
N GLN A 245 -8.86 -18.34 19.13
CA GLN A 245 -9.42 -19.55 19.71
C GLN A 245 -8.95 -20.82 19.00
N LYS A 246 -8.29 -20.69 17.86
CA LYS A 246 -7.82 -21.86 17.12
C LYS A 246 -6.38 -22.16 17.49
N ASP A 247 -6.08 -23.45 17.63
CA ASP A 247 -4.73 -23.84 18.00
C ASP A 247 -3.73 -23.43 16.93
N LYS A 248 -2.77 -22.60 17.32
CA LYS A 248 -1.73 -22.06 16.44
C LYS A 248 -2.32 -21.29 15.26
N GLY A 249 -3.53 -20.75 15.41
CA GLY A 249 -4.17 -20.07 14.28
C GLY A 249 -3.45 -18.79 13.89
N VAL A 250 -3.14 -17.94 14.87
CA VAL A 250 -2.44 -16.69 14.57
C VAL A 250 -1.03 -16.97 14.06
N TYR A 251 -0.30 -17.86 14.73
CA TYR A 251 1.02 -18.23 14.24
C TYR A 251 0.94 -18.70 12.79
N SER A 252 0.00 -19.60 12.50
CA SER A 252 -0.08 -20.19 11.16
C SER A 252 -0.37 -19.14 10.11
N LEU A 253 -1.26 -18.20 10.41
CA LEU A 253 -1.57 -17.16 9.45
C LEU A 253 -0.33 -16.31 9.14
N PHE A 254 0.34 -15.80 10.19
CA PHE A 254 1.53 -14.98 9.97
C PHE A 254 2.60 -15.78 9.26
N ALA A 255 2.81 -17.03 9.68
CA ALA A 255 3.90 -17.81 9.13
C ALA A 255 3.70 -18.08 7.64
N GLU A 256 2.48 -18.42 7.24
CA GLU A 256 2.25 -18.72 5.84
C GLU A 256 2.37 -17.45 5.00
N LEU A 257 1.88 -16.31 5.50
CA LEU A 257 2.01 -15.05 4.77
C LEU A 257 3.48 -14.63 4.64
N ILE A 258 4.28 -14.78 5.70
CA ILE A 258 5.69 -14.41 5.61
C ILE A 258 6.41 -15.27 4.59
N GLU A 259 6.20 -16.59 4.66
CA GLU A 259 6.92 -17.51 3.81
C GLU A 259 6.60 -17.28 2.33
N SER A 260 5.39 -16.80 2.03
CA SER A 260 5.01 -16.46 0.67
C SER A 260 5.20 -14.98 0.34
N CYS A 261 5.87 -14.21 1.19
CA CYS A 261 6.29 -12.84 0.92
C CYS A 261 5.11 -11.86 0.80
N PHE A 262 4.04 -12.14 1.52
CA PHE A 262 2.94 -11.17 1.64
C PHE A 262 3.24 -10.20 2.80
N PHE A 263 4.32 -9.42 2.62
CA PHE A 263 4.86 -8.63 3.73
C PHE A 263 3.94 -7.47 4.09
N ASP A 264 3.31 -6.85 3.09
CA ASP A 264 2.42 -5.73 3.40
C ASP A 264 1.24 -6.18 4.26
N THR A 265 0.72 -7.39 3.98
CA THR A 265 -0.37 -7.91 4.79
C THR A 265 0.08 -8.17 6.22
N VAL A 266 1.27 -8.74 6.42
CA VAL A 266 1.74 -8.98 7.77
C VAL A 266 1.98 -7.67 8.50
N HIS A 267 2.54 -6.68 7.80
CA HIS A 267 2.71 -5.35 8.39
C HIS A 267 1.37 -4.83 8.90
N ASP A 268 0.34 -4.95 8.06
CA ASP A 268 -0.99 -4.45 8.43
C ASP A 268 -1.52 -5.18 9.66
N LEU A 269 -1.33 -6.49 9.72
CA LEU A 269 -1.83 -7.25 10.87
C LEU A 269 -1.05 -6.93 12.14
N VAL A 270 0.27 -6.74 12.05
CA VAL A 270 1.01 -6.34 13.24
C VAL A 270 0.48 -5.00 13.76
N GLN A 271 0.18 -4.07 12.84
CA GLN A 271 -0.34 -2.77 13.27
C GLN A 271 -1.71 -2.91 13.90
N CYS A 272 -2.56 -3.78 13.34
CA CYS A 272 -3.93 -3.95 13.85
C CYS A 272 -3.96 -4.73 15.14
N TRP A 273 -3.05 -5.68 15.31
CA TRP A 273 -3.19 -6.64 16.39
C TRP A 273 -2.12 -6.52 17.47
N CYS A 274 -0.95 -5.93 17.16
CA CYS A 274 0.16 -5.85 18.11
C CYS A 274 0.56 -4.43 18.48
N TYR A 275 0.24 -3.44 17.66
CA TYR A 275 0.56 -2.05 17.96
C TYR A 275 -0.69 -1.30 18.40
N LYS A 276 -1.82 -1.99 18.46
CA LYS A 276 -3.03 -1.43 19.05
C LYS A 276 -2.80 -1.18 20.53
N GLU A 277 -3.38 -0.10 21.04
CA GLU A 277 -3.16 0.33 22.42
C GLU A 277 -4.13 -0.35 23.39
N GLY A 282 -8.05 -3.60 30.88
CA GLY A 282 -7.76 -5.01 31.03
C GLY A 282 -6.28 -5.29 31.15
N ASP A 283 -5.85 -6.44 30.62
CA ASP A 283 -4.43 -6.80 30.58
C ASP A 283 -3.81 -6.14 29.36
N HIS A 284 -3.03 -5.08 29.60
CA HIS A 284 -2.39 -4.37 28.50
C HIS A 284 -1.37 -5.24 27.76
N SER A 285 -0.81 -6.25 28.42
CA SER A 285 0.25 -7.07 27.85
C SER A 285 -0.25 -8.40 27.27
N GLU A 286 -1.54 -8.50 26.94
CA GLU A 286 -2.06 -9.71 26.34
C GLU A 286 -1.29 -10.06 25.06
N LYS A 287 -0.85 -11.33 24.95
CA LYS A 287 -0.15 -11.83 23.77
C LYS A 287 -1.07 -12.69 22.91
N ILE A 288 -0.86 -12.64 21.60
CA ILE A 288 -1.64 -13.41 20.61
C ILE A 288 -0.81 -14.50 19.93
N PHE A 289 0.49 -14.55 20.20
CA PHE A 289 1.34 -15.65 19.78
C PHE A 289 2.43 -15.77 20.82
N SER A 290 3.18 -16.88 20.75
CA SER A 290 4.09 -17.23 21.83
C SER A 290 5.49 -16.68 21.58
N GLN A 291 6.36 -16.80 22.61
CA GLN A 291 7.78 -16.52 22.44
C GLN A 291 8.38 -17.30 21.27
N ARG A 292 8.12 -18.61 21.20
CA ARG A 292 8.70 -19.40 20.13
C ARG A 292 8.15 -18.97 18.77
N ASP A 293 6.85 -18.65 18.69
CA ASP A 293 6.27 -18.13 17.46
C ASP A 293 7.03 -16.90 16.98
N TYR A 294 7.28 -15.96 17.89
CA TYR A 294 8.01 -14.73 17.58
C TYR A 294 9.37 -15.02 16.97
N GLU A 295 10.13 -15.91 17.60
CA GLU A 295 11.45 -16.28 17.10
C GLU A 295 11.35 -16.91 15.71
N LEU A 296 10.30 -17.70 15.47
CA LEU A 296 10.10 -18.31 14.16
C LEU A 296 9.72 -17.27 13.10
N PHE A 297 8.96 -16.23 13.49
CA PHE A 297 8.69 -15.14 12.54
C PHE A 297 9.99 -14.51 12.08
N LEU A 298 10.89 -14.21 13.04
CA LEU A 298 12.13 -13.54 12.70
C LEU A 298 13.02 -14.43 11.84
N SER A 299 13.09 -15.73 12.18
CA SER A 299 13.94 -16.63 11.42
C SER A 299 13.41 -16.85 10.02
N SER A 300 12.08 -16.95 9.89
CA SER A 300 11.47 -17.07 8.57
C SER A 300 11.71 -15.83 7.72
N LEU A 301 11.60 -14.65 8.33
CA LEU A 301 11.85 -13.43 7.58
C LEU A 301 13.30 -13.36 7.12
N SER A 302 14.24 -13.71 7.99
CA SER A 302 15.63 -13.58 7.56
C SER A 302 15.99 -14.64 6.52
N ASP A 303 15.37 -15.82 6.60
CA ASP A 303 15.57 -16.82 5.55
C ASP A 303 14.95 -16.36 4.23
N THR A 304 13.75 -15.76 4.28
CA THR A 304 13.13 -15.27 3.05
C THR A 304 13.95 -14.13 2.44
N MET A 305 14.54 -13.30 3.30
CA MET A 305 15.41 -12.21 2.85
C MET A 305 16.56 -12.71 2.00
N LEU A 306 17.18 -13.82 2.39
CA LEU A 306 18.30 -14.36 1.63
C LEU A 306 17.84 -15.07 0.37
N LYS A 307 16.69 -15.74 0.44
CA LYS A 307 16.18 -16.47 -0.73
C LYS A 307 15.68 -15.51 -1.81
N ASN A 308 15.26 -14.31 -1.42
CA ASN A 308 14.64 -13.35 -2.33
C ASN A 308 15.28 -11.99 -2.12
N PRO A 309 16.50 -11.78 -2.63
CA PRO A 309 17.20 -10.53 -2.34
C PRO A 309 16.49 -9.31 -2.88
N GLU A 310 15.66 -9.47 -3.92
CA GLU A 310 14.88 -8.36 -4.43
C GLU A 310 13.91 -7.81 -3.40
N LEU A 311 13.61 -8.58 -2.34
CA LEU A 311 12.69 -8.20 -1.28
C LEU A 311 13.41 -7.88 0.02
N SER A 312 14.74 -7.75 0.00
CA SER A 312 15.48 -7.67 1.26
C SER A 312 15.10 -6.42 2.05
N VAL A 313 14.88 -5.29 1.37
CA VAL A 313 14.48 -4.08 2.08
C VAL A 313 13.16 -4.28 2.79
N GLN A 314 12.18 -4.91 2.12
CA GLN A 314 10.88 -5.09 2.74
C GLN A 314 10.92 -6.14 3.84
N ALA A 315 11.74 -7.20 3.70
CA ALA A 315 11.85 -8.19 4.76
C ALA A 315 12.48 -7.59 6.01
N ARG A 316 13.53 -6.78 5.84
CA ARG A 316 14.18 -6.08 6.95
C ARG A 316 13.20 -5.15 7.65
N SER A 317 12.37 -4.44 6.87
CA SER A 317 11.36 -3.57 7.45
C SER A 317 10.43 -4.33 8.39
N LEU A 318 10.03 -5.54 7.99
CA LEU A 318 9.12 -6.31 8.81
C LEU A 318 9.84 -6.90 10.02
N ILE A 319 11.09 -7.33 9.86
CA ILE A 319 11.89 -7.74 11.01
C ILE A 319 11.94 -6.61 12.04
N MET A 320 12.17 -5.38 11.58
CA MET A 320 12.26 -4.29 12.54
C MET A 320 10.90 -3.94 13.12
N GLU A 321 9.81 -4.19 12.37
CA GLU A 321 8.50 -3.95 12.93
C GLU A 321 8.22 -4.89 14.10
N PHE A 322 8.58 -6.17 13.95
CA PHE A 322 8.44 -7.12 15.06
C PHE A 322 9.41 -6.78 16.19
N TRP A 323 10.63 -6.39 15.83
CA TRP A 323 11.67 -6.11 16.83
C TRP A 323 11.31 -4.94 17.72
N GLU A 324 10.74 -3.87 17.14
CA GLU A 324 10.55 -2.63 17.87
C GLU A 324 9.12 -2.45 18.34
N CYS A 325 8.28 -3.46 18.14
CA CYS A 325 6.90 -3.37 18.62
C CYS A 325 6.87 -3.34 20.15
N GLY A 326 6.29 -2.27 20.72
CA GLY A 326 6.35 -2.09 22.16
C GLY A 326 5.73 -3.24 22.93
N SER A 327 4.62 -3.80 22.42
CA SER A 327 3.97 -4.90 23.13
C SER A 327 4.78 -6.20 23.07
N LEU A 328 5.80 -6.27 22.22
CA LEU A 328 6.62 -7.47 22.10
C LEU A 328 8.00 -7.29 22.73
N TYR A 329 8.19 -6.23 23.51
CA TYR A 329 9.51 -5.96 24.06
C TYR A 329 10.02 -7.15 24.87
N GLN A 330 9.14 -7.78 25.66
CA GLN A 330 9.54 -8.97 26.43
C GLN A 330 10.07 -10.09 25.54
N TYR A 331 9.43 -10.29 24.39
CA TYR A 331 9.88 -11.34 23.47
C TYR A 331 11.22 -10.98 22.85
N ARG A 332 11.40 -9.72 22.50
CA ARG A 332 12.66 -9.24 21.94
C ARG A 332 13.81 -9.53 22.89
N LYS A 333 13.61 -9.23 24.18
CA LYS A 333 14.66 -9.44 25.16
C LYS A 333 14.97 -10.93 25.33
N ALA A 334 13.93 -11.77 25.43
CA ALA A 334 14.16 -13.20 25.56
C ALA A 334 14.81 -13.78 24.31
N ALA A 335 14.57 -13.14 23.16
CA ALA A 335 15.14 -13.60 21.90
C ALA A 335 16.64 -13.40 21.82
N VAL A 336 17.21 -12.54 22.67
CA VAL A 336 18.66 -12.36 22.67
C VAL A 336 19.30 -12.93 23.93
N ASN A 337 18.55 -13.69 24.72
CA ASN A 337 19.07 -14.27 25.96
C ASN A 337 19.77 -15.58 25.62
N THR A 338 21.03 -15.70 26.00
CA THR A 338 21.79 -16.91 25.72
C THR A 338 21.58 -17.90 26.86
N SER A 339 21.30 -19.15 26.53
CA SER A 339 21.16 -20.18 27.55
C SER A 339 21.47 -21.55 26.93
N ASN A 340 22.16 -22.40 27.70
CA ASN A 340 22.60 -23.71 27.20
C ASN A 340 23.40 -23.57 25.91
N TYR A 341 24.25 -22.56 25.86
CA TYR A 341 25.13 -22.29 24.71
C TYR A 341 24.36 -22.07 23.42
N THR A 342 23.14 -21.55 23.49
CA THR A 342 22.36 -21.21 22.31
C THR A 342 21.63 -19.90 22.54
N VAL A 343 21.42 -19.16 21.46
CA VAL A 343 20.60 -17.95 21.55
C VAL A 343 19.60 -17.99 20.40
N PRO A 344 18.31 -17.71 20.66
CA PRO A 344 17.30 -17.97 19.63
C PRO A 344 17.53 -17.22 18.33
N THR A 345 18.21 -16.09 18.37
CA THR A 345 18.34 -15.26 17.17
C THR A 345 19.71 -15.32 16.52
N SER A 346 20.54 -16.32 16.86
CA SER A 346 21.87 -16.37 16.27
C SER A 346 21.78 -16.45 14.74
N GLY A 347 20.85 -17.24 14.22
CA GLY A 347 20.69 -17.34 12.77
C GLY A 347 20.18 -16.07 12.12
N VAL A 348 19.28 -15.36 12.80
CA VAL A 348 18.79 -14.08 12.28
C VAL A 348 19.94 -13.08 12.12
N PHE A 349 20.73 -12.91 13.19
CA PHE A 349 21.89 -12.02 13.08
C PHE A 349 22.83 -12.46 11.98
N ALA A 350 23.12 -13.76 11.93
CA ALA A 350 24.01 -14.24 10.88
C ALA A 350 23.45 -13.91 9.50
N GLU A 351 22.16 -14.12 9.32
CA GLU A 351 21.60 -13.89 7.98
C GLU A 351 21.52 -12.39 7.65
N LEU A 352 21.27 -11.53 8.64
CA LEU A 352 21.36 -10.09 8.38
C LEU A 352 22.77 -9.70 7.99
N ILE A 353 23.79 -10.32 8.60
CA ILE A 353 25.16 -10.02 8.21
C ILE A 353 25.43 -10.49 6.78
N VAL A 354 24.96 -11.69 6.43
CA VAL A 354 25.12 -12.18 5.06
C VAL A 354 24.48 -11.21 4.08
N ASN A 355 23.27 -10.73 4.40
CA ASN A 355 22.59 -9.79 3.52
C ASN A 355 23.39 -8.49 3.42
N TRP A 356 23.85 -7.98 4.55
CA TRP A 356 24.60 -6.72 4.56
C TRP A 356 25.81 -6.81 3.64
N ARG A 357 26.47 -7.98 3.60
CA ARG A 357 27.71 -8.11 2.83
C ARG A 357 27.47 -8.65 1.43
N ARG A 358 26.22 -8.83 1.02
CA ARG A 358 25.90 -9.37 -0.29
C ARG A 358 26.32 -8.38 -1.38
N GLU A 359 26.92 -8.91 -2.44
CA GLU A 359 27.43 -8.07 -3.52
C GLU A 359 26.92 -8.49 -4.89
N ASP A 360 25.96 -9.42 -4.98
CA ASP A 360 25.55 -9.85 -6.32
C ASP A 360 24.61 -8.87 -6.99
N ILE A 361 23.99 -7.96 -6.23
CA ILE A 361 23.15 -6.91 -6.77
C ILE A 361 23.70 -5.58 -6.27
N TYR A 362 23.72 -4.57 -7.13
CA TYR A 362 24.28 -3.29 -6.73
C TYR A 362 23.42 -2.66 -5.64
N LYS A 363 24.08 -2.08 -4.65
CA LYS A 363 23.37 -1.27 -3.67
C LYS A 363 24.26 -0.10 -3.29
N THR A 364 23.61 1.03 -3.01
CA THR A 364 24.36 2.24 -2.73
C THR A 364 25.05 2.11 -1.38
N ASP A 365 26.10 2.93 -1.22
CA ASP A 365 26.76 3.03 0.08
C ASP A 365 25.77 3.43 1.16
N GLU A 366 24.77 4.23 0.81
CA GLU A 366 23.75 4.63 1.78
C GLU A 366 22.93 3.43 2.25
N GLU A 367 22.54 2.54 1.33
CA GLU A 367 21.75 1.39 1.75
C GLU A 367 22.58 0.45 2.61
N LYS A 368 23.86 0.26 2.26
CA LYS A 368 24.74 -0.59 3.05
C LYS A 368 24.90 -0.05 4.47
N GLU A 369 25.01 1.27 4.60
CA GLU A 369 25.16 1.83 5.94
C GLU A 369 23.88 1.69 6.75
N ILE A 370 22.71 1.77 6.12
CA ILE A 370 21.46 1.54 6.84
C ILE A 370 21.41 0.11 7.37
N GLU A 371 21.80 -0.85 6.54
CA GLU A 371 21.83 -2.24 6.97
C GLU A 371 22.79 -2.45 8.12
N LYS A 372 23.98 -1.84 8.04
CA LYS A 372 24.98 -1.98 9.09
C LYS A 372 24.48 -1.41 10.41
N LYS A 373 23.89 -0.21 10.37
CA LYS A 373 23.39 0.42 11.59
C LYS A 373 22.29 -0.40 12.23
N GLU A 374 21.38 -0.99 11.43
CA GLU A 374 20.36 -1.88 11.97
C GLU A 374 20.97 -3.02 12.76
N ILE A 375 22.01 -3.65 12.19
CA ILE A 375 22.65 -4.77 12.88
C ILE A 375 23.32 -4.31 14.16
N LEU A 376 24.05 -3.19 14.09
CA LEU A 376 24.72 -2.68 15.29
C LEU A 376 23.71 -2.36 16.39
N ASP A 377 22.57 -1.77 16.02
CA ASP A 377 21.54 -1.45 17.00
C ASP A 377 20.99 -2.70 17.66
N MET A 378 20.77 -3.77 16.88
CA MET A 378 20.31 -5.01 17.48
C MET A 378 21.38 -5.64 18.37
N MET A 379 22.64 -5.60 17.94
CA MET A 379 23.70 -6.15 18.78
C MET A 379 23.86 -5.34 20.06
N SER A 380 23.73 -4.01 19.96
CA SER A 380 23.82 -3.17 21.16
C SER A 380 22.74 -3.54 22.16
N PHE A 381 21.56 -3.85 21.66
CA PHE A 381 20.47 -4.25 22.55
C PHE A 381 20.80 -5.55 23.25
N ALA A 382 21.32 -6.54 22.51
CA ALA A 382 21.71 -7.80 23.12
C ALA A 382 22.76 -7.58 24.20
N LYS A 383 23.72 -6.69 23.94
CA LYS A 383 24.75 -6.41 24.93
C LYS A 383 24.16 -5.69 26.15
N ASP A 384 23.24 -4.75 25.92
CA ASP A 384 22.67 -4.01 27.04
C ASP A 384 21.78 -4.90 27.90
N CYS A 385 21.08 -5.86 27.29
CA CYS A 385 20.19 -6.71 28.07
C CYS A 385 20.96 -7.68 28.95
N PHE A 386 22.06 -8.23 28.44
CA PHE A 386 22.78 -9.30 29.13
C PHE A 386 24.27 -9.09 28.94
N PRO A 387 24.84 -8.07 29.59
CA PRO A 387 26.26 -7.77 29.39
C PRO A 387 27.16 -8.94 29.76
N GLU A 388 26.81 -9.69 30.79
CA GLU A 388 27.64 -10.79 31.25
C GLU A 388 27.65 -11.96 30.27
N LYS A 389 26.70 -12.02 29.33
CA LYS A 389 26.61 -13.11 28.37
C LYS A 389 27.04 -12.70 26.97
N PHE A 390 27.44 -11.45 26.77
CA PHE A 390 27.64 -10.94 25.42
C PHE A 390 28.83 -11.60 24.72
N GLU A 391 29.87 -11.99 25.46
CA GLU A 391 31.00 -12.67 24.84
C GLU A 391 30.57 -13.99 24.23
N LEU A 392 29.72 -14.73 24.95
CA LEU A 392 29.16 -15.96 24.39
C LEU A 392 28.26 -15.67 23.20
N PHE A 393 27.41 -14.65 23.33
CA PHE A 393 26.55 -14.22 22.24
C PHE A 393 27.36 -14.01 20.97
N LYS A 394 28.49 -13.31 21.08
CA LYS A 394 29.30 -13.04 19.91
C LYS A 394 29.83 -14.33 19.28
N LYS A 395 30.34 -15.23 20.12
CA LYS A 395 30.85 -16.49 19.61
C LYS A 395 29.79 -17.27 18.85
N LEU A 396 28.54 -17.23 19.34
CA LEU A 396 27.46 -18.00 18.71
C LEU A 396 27.07 -17.41 17.35
N ILE A 397 27.08 -16.08 17.21
CA ILE A 397 26.83 -15.48 15.89
C ILE A 397 27.89 -15.92 14.90
N ILE A 398 29.16 -15.84 15.31
CA ILE A 398 30.27 -16.19 14.45
C ILE A 398 30.19 -17.66 14.05
N ARG A 399 29.89 -18.54 15.01
CA ARG A 399 29.75 -19.95 14.69
C ARG A 399 28.58 -20.18 13.72
N ASP A 400 27.48 -19.46 13.92
CA ASP A 400 26.34 -19.62 13.02
C ASP A 400 26.69 -19.19 11.61
N LEU A 401 27.53 -18.17 11.47
CA LEU A 401 27.97 -17.73 10.15
C LEU A 401 28.84 -18.78 9.48
N ARG A 402 29.68 -19.45 10.27
CA ARG A 402 30.64 -20.40 9.72
C ARG A 402 30.02 -21.76 9.48
N LEU A 403 28.97 -22.10 10.23
CA LEU A 403 28.44 -23.47 10.20
C LEU A 403 27.52 -23.71 9.01
N CYS A 404 26.90 -22.66 8.49
CA CYS A 404 25.89 -22.81 7.44
C CYS A 404 26.40 -22.21 6.14
N GLY A 405 26.26 -22.97 5.06
CA GLY A 405 26.42 -22.39 3.74
C GLY A 405 25.03 -22.07 3.22
N ARG A 406 24.63 -20.81 3.30
CA ARG A 406 23.29 -20.40 2.95
C ARG A 406 23.30 -19.60 1.65
N GLU A 407 22.09 -19.39 1.12
CA GLU A 407 21.94 -18.59 -0.08
C GLU A 407 22.49 -17.19 0.16
N GLY A 408 23.14 -16.64 -0.87
CA GLY A 408 23.70 -15.31 -0.81
C GLY A 408 25.05 -15.20 -0.14
N LYS A 409 25.57 -16.30 0.41
CA LYS A 409 26.85 -16.33 1.08
C LYS A 409 27.94 -16.76 0.11
N ARG A 410 28.99 -15.94 -0.03
CA ARG A 410 30.03 -16.28 -0.98
C ARG A 410 30.89 -17.42 -0.43
N VAL A 411 31.19 -18.40 -1.28
CA VAL A 411 31.93 -19.58 -0.85
C VAL A 411 33.37 -19.20 -0.55
N ASN A 412 33.96 -19.89 0.44
CA ASN A 412 35.36 -19.72 0.80
C ASN A 412 35.67 -18.28 1.21
N VAL A 413 34.70 -17.65 1.87
CA VAL A 413 34.85 -16.33 2.46
C VAL A 413 34.49 -16.46 3.93
N ASP A 414 35.39 -15.99 4.79
CA ASP A 414 35.16 -16.06 6.24
C ASP A 414 34.27 -14.89 6.63
N TYR A 415 32.97 -15.15 6.77
CA TYR A 415 32.03 -14.12 7.18
C TYR A 415 32.16 -13.77 8.66
N GLY A 416 32.78 -14.66 9.45
CA GLY A 416 33.05 -14.33 10.83
C GLY A 416 33.88 -13.06 10.99
N LEU A 417 34.75 -12.76 10.02
CA LEU A 417 35.54 -11.55 10.08
C LEU A 417 34.66 -10.31 9.95
N PHE A 418 33.58 -10.40 9.16
CA PHE A 418 32.63 -9.30 9.06
C PHE A 418 31.91 -9.09 10.39
N ALA A 419 31.54 -10.18 11.06
CA ALA A 419 30.93 -10.06 12.38
C ALA A 419 31.91 -9.42 13.35
N GLU A 420 33.18 -9.82 13.30
CA GLU A 420 34.18 -9.23 14.20
C GLU A 420 34.32 -7.73 13.96
N GLU A 421 34.15 -7.26 12.72
CA GLU A 421 34.22 -5.83 12.46
C GLU A 421 33.09 -5.09 13.17
N LEU A 422 31.89 -5.65 13.14
CA LEU A 422 30.78 -5.05 13.88
C LEU A 422 31.04 -5.08 15.37
N PHE A 423 31.46 -6.24 15.89
CA PHE A 423 31.70 -6.37 17.33
C PHE A 423 32.76 -5.38 17.81
N SER A 424 33.80 -5.18 17.00
CA SER A 424 34.88 -4.26 17.36
C SER A 424 34.39 -2.82 17.43
N GLU A 425 33.59 -2.40 16.45
CA GLU A 425 33.04 -1.06 16.48
C GLU A 425 32.14 -0.87 17.70
N LEU A 426 31.46 -1.93 18.11
CA LEU A 426 30.57 -1.87 19.26
C LEU A 426 31.34 -1.53 20.53
N GLU A 427 32.49 -2.19 20.78
CA GLU A 427 33.22 -1.94 22.01
C GLU A 427 33.81 -0.52 22.04
N LYS A 428 34.20 0.03 20.91
CA LYS A 428 34.74 1.38 20.88
C LYS A 428 33.74 2.37 20.30
N PRO B 2 -8.13 0.71 20.75
CA PRO B 2 -8.19 0.99 19.31
C PRO B 2 -6.80 0.91 18.68
N THR B 3 -6.73 0.81 17.35
CA THR B 3 -5.44 0.88 16.70
C THR B 3 -4.88 2.30 16.79
N GLN B 4 -3.59 2.43 16.49
CA GLN B 4 -3.00 3.76 16.49
C GLN B 4 -3.63 4.64 15.42
N LYS B 5 -3.96 4.05 14.26
CA LYS B 5 -4.67 4.79 13.23
C LYS B 5 -6.02 5.30 13.73
N GLU B 6 -6.77 4.43 14.44
CA GLU B 6 -8.08 4.83 14.96
C GLU B 6 -7.95 5.96 15.98
N LEU B 7 -6.89 5.92 16.80
CA LEU B 7 -6.71 6.97 17.80
C LEU B 7 -6.39 8.31 17.15
N ARG B 8 -5.57 8.29 16.10
CA ARG B 8 -5.26 9.51 15.38
C ARG B 8 -6.51 10.09 14.71
N ASP B 9 -7.34 9.23 14.12
CA ASP B 9 -8.57 9.73 13.49
C ASP B 9 -9.50 10.34 14.53
N THR B 10 -9.55 9.74 15.72
CA THR B 10 -10.38 10.28 16.79
C THR B 10 -9.89 11.66 17.24
N MET B 11 -8.59 11.81 17.37
CA MET B 11 -8.02 13.10 17.75
C MET B 11 -8.24 14.15 16.65
N SER B 12 -8.00 13.78 15.39
CA SER B 12 -8.24 14.69 14.28
C SER B 12 -9.69 15.17 14.27
N LYS B 13 -10.64 14.26 14.45
CA LYS B 13 -12.04 14.67 14.43
C LYS B 13 -12.34 15.65 15.55
N LYS B 14 -11.71 15.46 16.72
CA LYS B 14 -11.94 16.37 17.83
C LYS B 14 -11.40 17.77 17.55
N LEU B 15 -10.19 17.85 17.00
CA LEU B 15 -9.61 19.16 16.70
C LEU B 15 -10.31 19.83 15.51
N GLN B 16 -10.84 19.04 14.57
CA GLN B 16 -11.61 19.63 13.46
C GLN B 16 -12.86 20.35 13.94
N GLU B 17 -13.32 20.07 15.18
CA GLU B 17 -14.45 20.81 15.72
C GLU B 17 -14.16 22.30 15.88
N ALA B 18 -12.88 22.70 15.90
CA ALA B 18 -12.51 24.11 16.02
C ALA B 18 -12.73 24.89 14.72
N ILE B 19 -12.98 24.20 13.61
CA ILE B 19 -13.02 24.83 12.30
C ILE B 19 -14.45 25.27 12.00
N LYS B 20 -14.66 26.59 11.95
CA LYS B 20 -15.92 27.18 11.54
C LYS B 20 -15.60 28.34 10.60
N HIS B 21 -16.34 28.41 9.48
CA HIS B 21 -16.07 29.42 8.47
C HIS B 21 -17.26 29.48 7.52
N PRO B 22 -17.66 30.65 7.06
CA PRO B 22 -18.82 30.74 6.16
C PRO B 22 -18.62 30.00 4.84
N ASP B 23 -17.38 29.89 4.37
CA ASP B 23 -17.08 29.26 3.10
C ASP B 23 -16.91 27.76 3.29
N PRO B 24 -17.79 26.93 2.71
CA PRO B 24 -17.64 25.47 2.90
C PRO B 24 -16.32 24.94 2.37
N ALA B 25 -15.79 25.52 1.29
CA ALA B 25 -14.51 25.04 0.77
C ALA B 25 -13.38 25.32 1.74
N VAL B 26 -13.45 26.43 2.47
CA VAL B 26 -12.42 26.72 3.46
C VAL B 26 -12.50 25.76 4.63
N VAL B 27 -13.72 25.46 5.11
CA VAL B 27 -13.87 24.49 6.18
C VAL B 27 -13.27 23.14 5.79
N ALA B 28 -13.62 22.65 4.61
CA ALA B 28 -13.14 21.34 4.19
C ALA B 28 -11.62 21.31 4.11
N GLY B 29 -11.04 22.33 3.50
CA GLY B 29 -9.59 22.36 3.35
C GLY B 29 -8.87 22.45 4.69
N ARG B 30 -9.40 23.26 5.61
CA ARG B 30 -8.75 23.40 6.92
C ARG B 30 -8.88 22.12 7.73
N LYS B 31 -9.99 21.42 7.61
CA LYS B 31 -10.13 20.14 8.28
C LYS B 31 -9.10 19.13 7.78
N SER B 32 -8.80 19.13 6.48
CA SER B 32 -7.75 18.26 5.97
C SER B 32 -6.37 18.64 6.53
N ALA B 33 -6.10 19.94 6.66
CA ALA B 33 -4.83 20.37 7.22
C ALA B 33 -4.67 19.88 8.65
N ILE B 34 -5.77 19.91 9.42
CA ILE B 34 -5.73 19.39 10.79
C ILE B 34 -5.40 17.90 10.79
N LYS B 35 -6.00 17.14 9.88
CA LYS B 35 -5.73 15.70 9.83
C LYS B 35 -4.25 15.43 9.51
N ARG B 36 -3.66 16.21 8.60
CA ARG B 36 -2.25 16.05 8.29
C ARG B 36 -1.37 16.46 9.47
N TRP B 37 -1.79 17.50 10.21
CA TRP B 37 -1.03 17.93 11.38
C TRP B 37 -1.00 16.83 12.43
N VAL B 38 -2.14 16.18 12.67
CA VAL B 38 -2.17 15.07 13.61
C VAL B 38 -1.36 13.89 13.08
N GLY B 39 -1.60 13.52 11.83
CA GLY B 39 -1.02 12.34 11.23
C GLY B 39 -2.15 11.36 10.90
N VAL B 40 -2.02 10.71 9.75
CA VAL B 40 -3.05 9.76 9.30
C VAL B 40 -2.50 8.34 9.39
N LEU B 41 -1.62 7.98 8.45
CA LEU B 41 -1.01 6.66 8.48
C LEU B 41 0.17 6.59 9.44
N GLN B 42 0.73 7.74 9.82
CA GLN B 42 1.85 7.83 10.75
C GLN B 42 1.56 8.95 11.73
N ASP B 43 2.14 8.85 12.92
CA ASP B 43 2.09 9.97 13.86
C ASP B 43 2.83 11.16 13.27
N ASN B 44 2.18 12.34 13.28
CA ASN B 44 2.86 13.60 13.03
C ASN B 44 2.93 14.32 14.37
N PHE B 45 2.07 15.30 14.63
CA PHE B 45 2.08 15.91 15.96
C PHE B 45 1.30 15.09 16.98
N MET B 46 0.68 13.98 16.57
CA MET B 46 0.02 13.09 17.52
C MET B 46 0.95 12.72 18.66
N GLU B 47 2.24 12.55 18.37
CA GLU B 47 3.18 12.14 19.40
C GLU B 47 3.19 13.12 20.57
N HIS B 48 2.96 14.40 20.29
CA HIS B 48 3.01 15.41 21.35
C HIS B 48 1.69 15.51 22.11
N ILE B 49 0.57 15.19 21.47
CA ILE B 49 -0.74 15.51 22.01
C ILE B 49 -1.57 14.28 22.35
N LYS B 50 -1.00 13.07 22.20
CA LYS B 50 -1.80 11.85 22.15
C LYS B 50 -2.77 11.73 23.32
N TYR B 51 -2.32 12.07 24.52
CA TYR B 51 -3.14 11.85 25.72
C TYR B 51 -3.78 13.13 26.25
N PHE B 52 -3.79 14.20 25.46
CA PHE B 52 -4.37 15.47 25.90
C PHE B 52 -5.87 15.33 26.07
N LYS B 53 -6.37 15.87 27.19
CA LYS B 53 -7.80 15.98 27.45
C LYS B 53 -8.08 17.33 28.09
N GLY B 54 -9.36 17.63 28.29
CA GLY B 54 -9.76 18.80 29.05
C GLY B 54 -9.17 20.09 28.51
N ASP B 55 -8.55 20.85 29.42
CA ASP B 55 -8.00 22.15 29.06
C ASP B 55 -6.83 22.03 28.09
N LYS B 56 -6.13 20.91 28.10
CA LYS B 56 -5.02 20.71 27.17
C LYS B 56 -5.54 20.67 25.73
N LEU B 57 -6.68 20.01 25.52
CA LEU B 57 -7.28 20.04 24.19
C LEU B 57 -7.84 21.43 23.88
N LYS B 58 -8.38 22.11 24.91
CA LYS B 58 -8.97 23.42 24.69
C LYS B 58 -7.93 24.40 24.19
N PHE B 59 -6.69 24.29 24.68
CA PHE B 59 -5.60 25.14 24.18
C PHE B 59 -5.43 24.96 22.68
N LEU B 60 -5.40 23.70 22.21
CA LEU B 60 -5.25 23.44 20.78
C LEU B 60 -6.47 23.93 20.01
N HIS B 61 -7.66 23.67 20.53
CA HIS B 61 -8.89 24.16 19.93
C HIS B 61 -8.81 25.68 19.71
N ASN B 62 -8.35 26.42 20.71
CA ASN B 62 -8.28 27.87 20.62
C ASN B 62 -7.24 28.33 19.60
N VAL B 63 -6.16 27.56 19.43
CA VAL B 63 -5.18 27.86 18.39
C VAL B 63 -5.79 27.69 17.00
N PHE B 64 -6.43 26.54 16.74
CA PHE B 64 -6.94 26.29 15.40
C PHE B 64 -8.18 27.12 15.09
N GLN B 65 -8.85 27.66 16.11
CA GLN B 65 -9.96 28.57 15.90
C GLN B 65 -9.51 29.97 15.52
N ASP B 66 -8.23 30.31 15.75
CA ASP B 66 -7.70 31.65 15.50
C ASP B 66 -7.45 31.84 14.00
N GLU B 67 -8.12 32.83 13.41
CA GLU B 67 -7.98 33.05 11.97
C GLU B 67 -6.54 33.38 11.60
N GLY B 68 -5.77 33.95 12.54
CA GLY B 68 -4.38 34.28 12.26
C GLY B 68 -3.48 33.07 12.06
N CYS B 69 -3.96 31.88 12.42
CA CYS B 69 -3.18 30.65 12.24
C CYS B 69 -3.40 30.00 10.90
N TRP B 70 -4.14 30.65 10.01
CA TRP B 70 -4.50 30.07 8.72
C TRP B 70 -4.10 31.02 7.60
N SER B 71 -3.65 30.43 6.50
CA SER B 71 -3.48 31.15 5.24
C SER B 71 -4.31 30.38 4.23
N GLY B 72 -5.53 30.83 3.98
CA GLY B 72 -6.44 30.06 3.16
C GLY B 72 -6.81 28.74 3.85
N VAL B 73 -6.46 27.61 3.23
CA VAL B 73 -6.74 26.31 3.82
C VAL B 73 -5.48 25.66 4.39
N ARG B 74 -4.37 26.40 4.45
CA ARG B 74 -3.14 25.83 5.01
C ARG B 74 -2.79 26.53 6.31
N LEU B 75 -2.17 25.76 7.20
CA LEU B 75 -1.70 26.32 8.46
C LEU B 75 -0.61 27.35 8.21
N ASP B 76 -0.66 28.45 8.96
CA ASP B 76 0.34 29.50 8.93
C ASP B 76 1.40 29.12 9.97
N ASN B 77 2.55 28.61 9.51
CA ASN B 77 3.48 28.02 10.46
C ASN B 77 4.13 29.07 11.35
N ALA B 78 4.33 30.30 10.85
CA ALA B 78 4.88 31.34 11.71
C ALA B 78 3.93 31.64 12.87
N ALA B 79 2.63 31.73 12.59
CA ALA B 79 1.66 31.98 13.65
C ALA B 79 1.58 30.81 14.62
N LEU B 80 1.60 29.57 14.12
CA LEU B 80 1.57 28.41 15.00
C LEU B 80 2.78 28.40 15.93
N GLY B 81 3.97 28.69 15.39
CA GLY B 81 5.17 28.70 16.21
C GLY B 81 5.08 29.72 17.33
N GLN B 82 4.50 30.88 17.06
CA GLN B 82 4.30 31.87 18.13
C GLN B 82 3.32 31.34 19.16
N ARG B 83 2.20 30.76 18.71
CA ARG B 83 1.19 30.25 19.65
C ARG B 83 1.76 29.13 20.52
N PHE B 84 2.48 28.19 19.90
CA PHE B 84 2.92 26.99 20.58
C PHE B 84 4.12 27.23 21.49
N THR B 85 4.71 28.42 21.47
CA THR B 85 5.79 28.78 22.38
C THR B 85 5.38 29.82 23.40
N GLU B 86 4.11 30.24 23.41
CA GLU B 86 3.61 31.14 24.43
C GLU B 86 3.36 30.39 25.73
N GLU B 87 3.43 31.12 26.84
CA GLU B 87 3.14 30.50 28.14
C GLU B 87 1.65 30.20 28.28
N LYS B 88 0.79 31.13 27.88
CA LYS B 88 -0.65 30.98 28.01
C LYS B 88 -1.33 31.78 26.91
N ILE B 89 -2.51 31.31 26.52
CA ILE B 89 -3.34 32.02 25.55
C ILE B 89 -4.78 31.93 26.04
N GLY B 90 -5.43 33.08 26.18
CA GLY B 90 -6.81 33.10 26.64
C GLY B 90 -6.99 32.47 28.00
N GLY B 91 -6.02 32.67 28.90
CA GLY B 91 -6.12 32.15 30.25
C GLY B 91 -5.88 30.67 30.39
N ILE B 92 -5.43 29.99 29.33
CA ILE B 92 -5.21 28.56 29.35
C ILE B 92 -3.72 28.30 29.16
N ASP B 93 -3.12 27.54 30.07
CA ASP B 93 -1.71 27.23 30.01
C ASP B 93 -1.36 26.41 28.78
N ASN B 94 -0.22 26.69 28.20
CA ASN B 94 0.29 25.92 27.09
C ASN B 94 0.72 24.55 27.60
N PRO B 95 0.08 23.47 27.15
CA PRO B 95 0.45 22.13 27.65
C PRO B 95 1.60 21.47 26.89
N LEU B 96 2.12 22.11 25.85
CA LEU B 96 3.13 21.51 24.98
C LEU B 96 4.53 21.65 25.57
N ARG B 97 5.44 20.80 25.10
CA ARG B 97 6.86 20.95 25.42
C ARG B 97 7.42 22.07 24.55
N LYS B 98 7.72 23.22 25.16
CA LYS B 98 7.93 24.44 24.39
C LYS B 98 9.21 24.38 23.57
N TYR B 99 10.30 23.82 24.12
CA TYR B 99 11.51 23.71 23.32
C TYR B 99 11.27 22.91 22.04
N GLU B 100 10.58 21.77 22.16
CA GLU B 100 10.32 20.93 20.99
C GLU B 100 9.48 21.67 19.95
N MET B 101 8.46 22.40 20.39
CA MET B 101 7.65 23.17 19.45
C MET B 101 8.46 24.26 18.78
N ALA B 102 9.36 24.90 19.54
CA ALA B 102 10.18 25.96 18.96
C ALA B 102 11.12 25.40 17.91
N CYS B 103 11.64 24.18 18.14
CA CYS B 103 12.50 23.54 17.15
C CYS B 103 11.70 23.22 15.89
N SER B 104 10.53 22.60 16.07
CA SER B 104 9.72 22.17 14.94
C SER B 104 9.28 23.34 14.08
N TYR B 105 8.94 24.47 14.71
CA TYR B 105 8.44 25.63 13.99
C TYR B 105 9.51 26.69 13.74
N CYS B 106 10.77 26.37 13.98
CA CYS B 106 11.87 27.27 13.63
C CYS B 106 11.68 28.63 14.30
N VAL B 107 11.32 28.61 15.58
CA VAL B 107 11.11 29.86 16.31
C VAL B 107 12.48 30.26 16.85
N VAL B 108 13.32 30.77 15.93
CA VAL B 108 14.75 30.86 16.20
C VAL B 108 15.09 31.86 17.29
N ASP B 109 14.19 32.81 17.58
CA ASP B 109 14.43 33.73 18.68
C ASP B 109 14.19 33.10 20.05
N LYS B 110 13.49 31.96 20.10
CA LYS B 110 13.12 31.34 21.35
C LYS B 110 13.76 29.98 21.59
N ILE B 111 14.36 29.36 20.56
CA ILE B 111 14.89 28.01 20.73
C ILE B 111 15.94 27.98 21.85
N HIS B 112 16.87 28.94 21.82
CA HIS B 112 17.95 28.91 22.81
C HIS B 112 17.45 29.14 24.24
N PRO B 113 16.67 30.19 24.54
CA PRO B 113 16.22 30.35 25.94
C PRO B 113 15.30 29.24 26.41
N LEU B 114 14.46 28.68 25.53
CA LEU B 114 13.63 27.55 25.93
C LEU B 114 14.47 26.31 26.21
N PHE B 115 15.53 26.09 25.44
CA PHE B 115 16.41 24.97 25.74
C PHE B 115 17.11 25.16 27.07
N GLN B 116 17.43 26.41 27.41
CA GLN B 116 18.13 26.70 28.66
C GLN B 116 17.27 26.34 29.87
N LYS B 117 15.95 26.60 29.79
CA LYS B 117 15.07 26.21 30.89
C LYS B 117 14.96 24.69 30.98
N ARG B 118 14.88 24.02 29.83
CA ARG B 118 14.89 22.56 29.80
C ARG B 118 16.21 22.01 30.36
N PHE B 119 17.32 22.65 29.99
CA PHE B 119 18.63 22.23 30.45
C PHE B 119 18.76 22.35 31.97
N GLU B 120 18.19 23.40 32.55
CA GLU B 120 18.32 23.62 33.99
C GLU B 120 17.48 22.62 34.79
N SER B 121 16.28 22.30 34.31
CA SER B 121 15.46 21.30 34.99
C SER B 121 16.09 19.92 34.88
N TYR B 122 16.62 19.59 33.71
CA TYR B 122 17.32 18.32 33.53
C TYR B 122 18.54 18.24 34.43
N ARG B 123 19.25 19.35 34.60
CA ARG B 123 20.44 19.38 35.45
C ARG B 123 20.14 19.10 36.91
N ASN B 124 18.90 19.26 37.35
CA ASN B 124 18.57 19.06 38.76
C ASN B 124 18.69 17.61 39.19
N LYS B 125 18.90 16.67 38.27
CA LYS B 125 19.08 15.28 38.64
C LYS B 125 20.57 14.97 38.77
N PRO B 127 25.50 15.21 39.79
CA PRO B 127 25.54 15.46 41.22
C PRO B 127 26.27 16.76 41.53
N PRO B 128 26.18 17.26 42.76
CA PRO B 128 26.85 18.53 43.07
C PRO B 128 28.37 18.39 42.89
N GLY B 129 28.90 19.18 41.97
CA GLY B 129 30.33 19.16 41.66
C GLY B 129 30.59 19.24 40.17
N GLU B 138 32.42 22.77 31.94
CA GLU B 138 32.80 21.40 31.61
C GLU B 138 31.66 20.43 31.91
N PHE B 139 31.08 20.53 33.10
CA PHE B 139 29.99 19.63 33.48
C PHE B 139 28.73 19.94 32.68
N GLY B 140 28.49 21.22 32.38
CA GLY B 140 27.36 21.56 31.54
C GLY B 140 27.47 20.96 30.16
N LYS B 141 28.70 20.82 29.66
CA LYS B 141 28.92 20.17 28.37
C LYS B 141 28.47 18.71 28.41
N TYR B 142 28.65 18.05 29.55
CA TYR B 142 28.23 16.65 29.68
C TYR B 142 26.72 16.53 29.82
N VAL B 143 26.10 17.43 30.60
CA VAL B 143 24.66 17.37 30.82
C VAL B 143 23.91 17.74 29.54
N ARG B 144 24.42 18.75 28.81
CA ARG B 144 23.79 19.16 27.56
C ARG B 144 23.82 18.04 26.54
N ASN B 145 24.94 17.32 26.45
CA ASN B 145 25.04 16.20 25.51
C ASN B 145 24.07 15.09 25.90
N SER B 146 23.97 14.80 27.20
CA SER B 146 23.02 13.79 27.65
C SER B 146 21.59 14.20 27.34
N LEU B 147 21.26 15.47 27.57
CA LEU B 147 19.89 15.95 27.31
C LEU B 147 19.54 15.86 25.83
N LEU B 148 20.45 16.34 24.97
CA LEU B 148 20.17 16.34 23.54
C LEU B 148 20.12 14.92 22.99
N ASP B 149 20.93 14.01 23.52
CA ASP B 149 20.83 12.60 23.13
C ASP B 149 19.46 12.02 23.51
N SER B 150 18.93 12.45 24.65
CA SER B 150 17.60 11.99 25.06
C SER B 150 16.52 12.55 24.16
N ILE B 151 16.58 13.85 23.86
CA ILE B 151 15.52 14.47 23.09
C ILE B 151 15.55 13.98 21.65
N LYS B 152 16.74 13.70 21.10
CA LYS B 152 16.83 13.38 19.69
C LYS B 152 16.18 12.05 19.33
N ARG B 153 15.85 11.21 20.33
CA ARG B 153 15.11 9.99 20.05
C ARG B 153 13.79 10.28 19.36
N LYS B 154 13.19 11.44 19.61
CA LYS B 154 11.94 11.82 18.97
C LYS B 154 12.14 12.40 17.58
N GLY B 155 13.38 12.59 17.15
CA GLY B 155 13.63 13.08 15.82
C GLY B 155 14.85 13.99 15.75
N PRO B 156 15.52 13.98 14.60
CA PRO B 156 16.72 14.83 14.44
C PRO B 156 16.43 16.32 14.56
N VAL B 157 15.18 16.74 14.37
CA VAL B 157 14.86 18.16 14.49
C VAL B 157 15.18 18.67 15.88
N PHE B 158 15.11 17.79 16.88
CA PHE B 158 15.24 18.25 18.26
C PHE B 158 16.69 18.31 18.74
N ASP B 159 17.67 17.96 17.91
CA ASP B 159 19.06 18.28 18.23
C ASP B 159 19.73 18.99 17.07
N PHE B 160 18.95 19.66 16.24
CA PHE B 160 19.39 20.33 15.04
C PHE B 160 19.89 21.73 15.34
N TRP B 161 19.30 22.40 16.32
CA TRP B 161 19.49 23.82 16.54
C TRP B 161 20.51 24.15 17.61
N ILE B 162 20.94 23.17 18.43
CA ILE B 162 21.78 23.44 19.59
C ILE B 162 23.16 22.85 19.37
N ASP B 163 24.18 23.71 19.45
CA ASP B 163 25.56 23.24 19.32
C ASP B 163 25.93 22.40 20.54
N ARG B 164 26.42 21.19 20.29
CA ARG B 164 26.79 20.29 21.39
C ARG B 164 27.95 20.87 22.20
N GLU B 165 28.90 21.51 21.52
CA GLU B 165 30.13 21.94 22.17
C GLU B 165 29.93 23.19 23.00
N SER B 166 29.28 24.21 22.43
CA SER B 166 29.14 25.51 23.08
C SER B 166 27.77 25.73 23.71
N GLY B 167 26.76 24.95 23.31
CA GLY B 167 25.40 25.20 23.75
C GLY B 167 24.69 26.32 23.03
N GLU B 168 25.35 26.95 22.06
CA GLU B 168 24.78 28.11 21.39
C GLU B 168 23.81 27.68 20.32
N LEU B 169 22.95 28.62 19.92
CA LEU B 169 22.09 28.40 18.77
C LEU B 169 22.93 28.27 17.51
N LYS B 170 22.70 27.21 16.74
CA LYS B 170 23.45 26.98 15.51
C LYS B 170 22.88 27.84 14.38
N LYS B 171 23.77 28.32 13.53
CA LYS B 171 23.38 29.05 12.33
C LYS B 171 23.61 28.16 11.12
N TYR B 172 22.61 28.10 10.24
CA TYR B 172 22.69 27.27 9.05
C TYR B 172 22.62 28.17 7.82
N ASP B 173 23.50 27.92 6.87
CA ASP B 173 23.29 28.41 5.51
C ASP B 173 21.96 27.86 5.01
N ALA B 174 21.28 28.66 4.17
CA ALA B 174 19.93 28.31 3.75
C ALA B 174 19.92 27.02 2.94
N VAL B 175 20.93 26.81 2.10
CA VAL B 175 20.94 25.61 1.28
C VAL B 175 21.16 24.37 2.14
N GLU B 176 22.10 24.46 3.09
CA GLU B 176 22.34 23.36 4.02
C GLU B 176 21.09 23.09 4.88
N GLY B 177 20.43 24.15 5.34
CA GLY B 177 19.22 23.95 6.11
C GLY B 177 18.10 23.32 5.29
N PHE B 178 17.89 23.83 4.07
CA PHE B 178 16.87 23.29 3.19
C PHE B 178 17.11 21.81 2.93
N ASP B 179 18.36 21.43 2.61
CA ASP B 179 18.67 20.03 2.34
C ASP B 179 18.41 19.15 3.56
N SER B 180 18.77 19.64 4.74
CA SER B 180 18.52 18.88 5.98
C SER B 180 17.03 18.70 6.21
N ALA B 181 16.25 19.76 6.01
CA ALA B 181 14.82 19.65 6.25
C ALA B 181 14.16 18.67 5.28
N VAL B 182 14.61 18.63 4.03
CA VAL B 182 14.09 17.63 3.09
C VAL B 182 14.44 16.23 3.56
N LYS B 183 15.69 16.02 3.99
CA LYS B 183 16.09 14.71 4.48
C LYS B 183 15.27 14.30 5.70
N PHE B 184 15.02 15.24 6.61
CA PHE B 184 14.20 14.99 7.79
C PHE B 184 12.71 14.91 7.48
N LYS B 185 12.31 15.19 6.24
CA LYS B 185 10.89 15.27 5.88
C LYS B 185 10.16 16.25 6.82
N TRP B 186 10.80 17.38 7.05
CA TRP B 186 10.39 18.40 8.02
C TRP B 186 9.81 19.58 7.27
N SER B 187 8.48 19.59 7.09
CA SER B 187 7.90 20.56 6.16
C SER B 187 8.05 21.98 6.68
N GLU B 188 7.96 22.17 7.99
CA GLU B 188 8.13 23.52 8.55
C GLU B 188 9.55 24.02 8.29
N GLY B 189 10.53 23.11 8.37
CA GLY B 189 11.91 23.52 8.11
C GLY B 189 12.16 23.80 6.64
N VAL B 190 11.53 23.03 5.75
CA VAL B 190 11.64 23.32 4.32
C VAL B 190 11.14 24.72 4.04
N GLU B 191 10.02 25.08 4.64
CA GLU B 191 9.46 26.41 4.40
C GLU B 191 10.35 27.50 5.01
N TYR B 192 10.84 27.27 6.22
CA TYR B 192 11.70 28.26 6.88
C TYR B 192 12.98 28.52 6.07
N PHE B 193 13.65 27.45 5.64
CA PHE B 193 14.88 27.66 4.89
C PHE B 193 14.63 28.12 3.46
N TYR B 194 13.53 27.70 2.84
CA TYR B 194 13.17 28.25 1.52
C TYR B 194 13.13 29.77 1.56
N ASN B 195 12.52 30.34 2.60
CA ASN B 195 12.43 31.80 2.71
C ASN B 195 13.80 32.46 2.84
N HIS B 196 14.84 31.72 3.19
CA HIS B 196 16.18 32.28 3.31
C HIS B 196 17.07 31.99 2.11
N LEU B 197 16.59 31.22 1.14
CA LEU B 197 17.36 30.95 -0.08
C LEU B 197 17.52 32.22 -0.92
N LYS B 198 18.66 32.31 -1.60
CA LYS B 198 18.77 33.32 -2.64
C LYS B 198 17.82 33.00 -3.79
N GLU B 199 17.27 34.05 -4.40
CA GLU B 199 16.28 33.88 -5.47
C GLU B 199 16.78 32.96 -6.58
N GLU B 200 18.04 33.11 -6.98
CA GLU B 200 18.56 32.33 -8.11
C GLU B 200 18.71 30.85 -7.78
N ASP B 201 18.66 30.47 -6.51
CA ASP B 201 18.79 29.08 -6.11
C ASP B 201 17.45 28.37 -5.97
N LYS B 202 16.32 29.10 -5.91
CA LYS B 202 15.07 28.51 -5.49
C LYS B 202 14.58 27.47 -6.48
N GLU B 203 14.56 27.78 -7.77
CA GLU B 203 13.99 26.84 -8.72
C GLU B 203 14.78 25.53 -8.72
N LYS B 204 16.11 25.62 -8.66
CA LYS B 204 16.93 24.42 -8.60
C LYS B 204 16.64 23.59 -7.36
N LYS B 205 16.56 24.24 -6.18
CA LYS B 205 16.35 23.49 -4.94
C LYS B 205 14.95 22.90 -4.88
N LEU B 206 13.95 23.66 -5.32
CA LEU B 206 12.58 23.12 -5.31
C LEU B 206 12.47 21.92 -6.22
N THR B 207 13.09 21.99 -7.39
CA THR B 207 13.05 20.89 -8.35
C THR B 207 13.75 19.65 -7.82
N GLU B 208 14.92 19.85 -7.17
CA GLU B 208 15.62 18.73 -6.55
C GLU B 208 14.72 18.01 -5.56
N ALA B 209 14.02 18.78 -4.70
CA ALA B 209 13.15 18.17 -3.70
C ALA B 209 12.02 17.39 -4.34
N ILE B 210 11.39 17.96 -5.36
CA ILE B 210 10.26 17.29 -6.01
C ILE B 210 10.70 15.99 -6.69
N LEU B 211 11.84 16.03 -7.39
CA LEU B 211 12.32 14.82 -8.06
C LEU B 211 12.81 13.76 -7.07
N ALA B 212 13.33 14.19 -5.92
CA ALA B 212 13.88 13.25 -4.95
C ALA B 212 12.79 12.48 -4.22
N LEU B 213 11.65 13.12 -3.94
CA LEU B 213 10.67 12.52 -3.06
C LEU B 213 9.72 11.54 -3.76
N SER B 214 9.63 11.57 -5.08
CA SER B 214 8.75 10.64 -5.78
C SER B 214 9.46 9.34 -6.17
N SER B 218 7.90 6.35 -0.95
CA SER B 218 7.42 7.60 -0.36
C SER B 218 6.54 7.32 0.87
N VAL B 219 6.50 8.28 1.78
CA VAL B 219 5.71 8.19 3.00
C VAL B 219 4.82 9.43 3.11
N GLU B 220 3.93 9.40 4.10
CA GLU B 220 2.91 10.44 4.27
C GLU B 220 3.53 11.83 4.44
N LYS B 221 4.69 11.92 5.08
CA LYS B 221 5.33 13.21 5.30
C LYS B 221 5.91 13.83 4.03
N ASP B 222 5.99 13.08 2.93
CA ASP B 222 6.51 13.65 1.69
C ASP B 222 5.51 14.60 1.04
N ALA B 223 4.22 14.31 1.13
CA ALA B 223 3.24 15.10 0.38
C ALA B 223 3.20 16.57 0.77
N PRO B 224 3.26 16.97 2.05
CA PRO B 224 3.26 18.42 2.35
C PRO B 224 4.47 19.15 1.79
N ILE B 225 5.60 18.46 1.67
CA ILE B 225 6.78 19.07 1.07
C ILE B 225 6.61 19.19 -0.44
N LEU B 226 6.10 18.12 -1.07
CA LEU B 226 5.81 18.20 -2.50
C LEU B 226 4.84 19.32 -2.80
N ASP B 227 3.79 19.43 -1.98
CA ASP B 227 2.79 20.48 -2.20
C ASP B 227 3.40 21.86 -2.06
N PHE B 228 4.19 22.07 -1.01
CA PHE B 228 4.83 23.36 -0.81
C PHE B 228 5.72 23.71 -1.99
N CYS B 229 6.55 22.75 -2.42
CA CYS B 229 7.52 23.05 -3.47
C CYS B 229 6.82 23.27 -4.80
N VAL B 230 5.79 22.47 -5.11
CA VAL B 230 5.09 22.66 -6.38
C VAL B 230 4.45 24.04 -6.43
N ASN B 231 3.93 24.51 -5.31
CA ASN B 231 3.29 25.82 -5.32
C ASN B 231 4.28 27.00 -5.30
N LYS B 232 5.55 26.76 -5.04
CA LYS B 232 6.55 27.82 -5.12
C LYS B 232 7.26 27.83 -6.47
N ILE B 233 7.13 26.76 -7.26
CA ILE B 233 7.73 26.73 -8.59
C ILE B 233 7.09 27.81 -9.45
N VAL B 234 7.93 28.61 -10.10
CA VAL B 234 7.45 29.66 -10.99
C VAL B 234 7.21 29.13 -12.40
N ASP B 235 8.10 28.26 -12.89
CA ASP B 235 8.03 27.77 -14.27
C ASP B 235 7.48 26.35 -14.24
N LYS B 236 6.16 26.23 -14.32
CA LYS B 236 5.53 24.92 -14.30
C LYS B 236 5.84 24.11 -15.57
N ASP B 237 6.09 24.79 -16.69
CA ASP B 237 6.37 24.07 -17.94
C ASP B 237 7.72 23.35 -17.86
N THR B 238 8.73 23.99 -17.28
CA THR B 238 10.02 23.33 -17.09
C THR B 238 9.94 22.21 -16.08
N LEU B 239 9.15 22.40 -15.02
CA LEU B 239 8.96 21.30 -14.07
C LEU B 239 8.37 20.08 -14.77
N LEU B 240 7.37 20.29 -15.64
CA LEU B 240 6.76 19.15 -16.33
C LEU B 240 7.79 18.43 -17.19
N GLN B 241 8.64 19.18 -17.90
CA GLN B 241 9.69 18.56 -18.70
C GLN B 241 10.61 17.69 -17.85
N LYS B 242 10.97 18.17 -16.65
CA LYS B 242 11.85 17.38 -15.79
C LYS B 242 11.14 16.16 -15.25
N LEU B 243 9.89 16.32 -14.82
CA LEU B 243 9.12 15.17 -14.34
C LEU B 243 8.92 14.15 -15.46
N SER B 244 8.77 14.61 -16.70
CA SER B 244 8.50 13.70 -17.81
C SER B 244 9.69 12.83 -18.17
N GLN B 245 10.90 13.21 -17.78
CA GLN B 245 12.06 12.35 -18.01
C GLN B 245 12.13 11.20 -17.02
N LYS B 246 11.32 11.25 -15.96
CA LYS B 246 11.24 10.19 -14.98
C LYS B 246 10.06 9.28 -15.32
N ASP B 247 10.26 7.98 -15.18
CA ASP B 247 9.19 7.03 -15.44
C ASP B 247 8.05 7.26 -14.46
N LYS B 248 6.84 7.51 -14.99
CA LYS B 248 5.66 7.76 -14.18
C LYS B 248 5.86 8.94 -13.23
N GLY B 249 6.66 9.92 -13.66
CA GLY B 249 6.99 11.03 -12.79
C GLY B 249 5.78 11.86 -12.40
N VAL B 250 4.94 12.22 -13.40
CA VAL B 250 3.74 12.99 -13.11
C VAL B 250 2.75 12.17 -12.29
N TYR B 251 2.55 10.91 -12.66
CA TYR B 251 1.67 10.05 -11.89
C TYR B 251 2.07 10.04 -10.41
N SER B 252 3.37 9.87 -10.15
CA SER B 252 3.80 9.75 -8.76
C SER B 252 3.47 11.02 -7.97
N LEU B 253 3.66 12.18 -8.61
CA LEU B 253 3.34 13.46 -7.97
C LEU B 253 1.85 13.59 -7.71
N PHE B 254 1.02 13.34 -8.72
CA PHE B 254 -0.43 13.45 -8.56
C PHE B 254 -0.94 12.49 -7.49
N ALA B 255 -0.45 11.25 -7.50
CA ALA B 255 -0.94 10.25 -6.56
C ALA B 255 -0.63 10.66 -5.13
N GLU B 256 0.56 11.21 -4.88
CA GLU B 256 0.90 11.64 -3.52
C GLU B 256 0.03 12.82 -3.09
N LEU B 257 -0.17 13.79 -3.98
CA LEU B 257 -1.00 14.94 -3.64
C LEU B 257 -2.45 14.51 -3.42
N ILE B 258 -2.97 13.61 -4.26
CA ILE B 258 -4.34 13.16 -4.09
C ILE B 258 -4.51 12.40 -2.78
N GLU B 259 -3.56 11.50 -2.47
CA GLU B 259 -3.68 10.70 -1.25
C GLU B 259 -3.68 11.57 0.01
N SER B 260 -2.96 12.69 0.00
CA SER B 260 -2.94 13.59 1.15
C SER B 260 -3.93 14.74 1.02
N CYS B 261 -4.80 14.69 0.02
CA CYS B 261 -5.94 15.59 -0.12
C CYS B 261 -5.51 17.03 -0.42
N PHE B 262 -4.41 17.19 -1.16
CA PHE B 262 -4.02 18.51 -1.67
C PHE B 262 -4.73 18.78 -3.00
N PHE B 263 -6.06 18.89 -2.94
CA PHE B 263 -6.87 18.89 -4.16
C PHE B 263 -6.66 20.16 -4.97
N ASP B 264 -6.52 21.31 -4.30
CA ASP B 264 -6.37 22.57 -5.03
C ASP B 264 -5.10 22.59 -5.86
N THR B 265 -4.02 21.98 -5.35
CA THR B 265 -2.79 21.88 -6.12
C THR B 265 -2.98 20.99 -7.35
N VAL B 266 -3.70 19.87 -7.21
CA VAL B 266 -3.92 19.00 -8.36
C VAL B 266 -4.77 19.72 -9.40
N HIS B 267 -5.78 20.49 -8.97
CA HIS B 267 -6.53 21.31 -9.93
C HIS B 267 -5.60 22.18 -10.74
N ASP B 268 -4.67 22.87 -10.05
CA ASP B 268 -3.76 23.79 -10.73
C ASP B 268 -2.88 23.07 -11.71
N LEU B 269 -2.38 21.89 -11.33
CA LEU B 269 -1.50 21.17 -12.22
C LEU B 269 -2.25 20.64 -13.45
N VAL B 270 -3.48 20.14 -13.27
CA VAL B 270 -4.28 19.74 -14.44
C VAL B 270 -4.51 20.93 -15.36
N GLN B 271 -4.81 22.10 -14.77
CA GLN B 271 -5.04 23.28 -15.59
C GLN B 271 -3.75 23.72 -16.30
N CYS B 272 -2.59 23.55 -15.67
CA CYS B 272 -1.32 23.96 -16.26
C CYS B 272 -0.79 22.96 -17.30
N TRP B 273 -1.01 21.66 -17.07
CA TRP B 273 -0.30 20.63 -17.82
C TRP B 273 -1.16 19.80 -18.76
N CYS B 274 -2.48 19.85 -18.63
CA CYS B 274 -3.37 19.02 -19.43
C CYS B 274 -4.15 19.83 -20.46
N TYR B 275 -3.70 21.04 -20.75
CA TYR B 275 -4.31 21.92 -21.73
C TYR B 275 -3.33 22.28 -22.85
N LYS B 276 -2.57 21.30 -23.36
CA LYS B 276 -1.64 21.59 -24.45
C LYS B 276 -2.40 22.12 -25.68
N GLU B 277 -1.90 23.20 -26.25
CA GLU B 277 -2.59 23.89 -27.34
C GLU B 277 -2.10 23.41 -28.70
N VAL B 278 -3.03 23.43 -29.68
CA VAL B 278 -2.66 23.14 -31.06
C VAL B 278 -1.58 24.08 -31.54
N SER B 279 -1.66 25.36 -31.14
CA SER B 279 -0.68 26.36 -31.53
C SER B 279 0.72 26.06 -31.01
N ALA B 280 0.87 25.10 -30.09
CA ALA B 280 2.19 24.75 -29.57
C ALA B 280 2.97 23.85 -30.53
N GLY B 281 2.29 23.02 -31.31
CA GLY B 281 2.95 22.15 -32.25
C GLY B 281 3.14 20.75 -31.70
N GLY B 282 3.88 19.93 -32.45
CA GLY B 282 4.17 18.58 -32.01
C GLY B 282 2.93 17.69 -31.96
N ASP B 283 2.93 16.77 -31.00
CA ASP B 283 1.80 15.88 -30.75
C ASP B 283 0.81 16.61 -29.85
N HIS B 284 -0.30 17.06 -30.45
CA HIS B 284 -1.32 17.76 -29.68
C HIS B 284 -1.91 16.88 -28.59
N SER B 285 -1.91 15.56 -28.81
CA SER B 285 -2.55 14.63 -27.89
C SER B 285 -1.56 14.00 -26.92
N GLU B 286 -0.40 14.62 -26.74
CA GLU B 286 0.60 14.11 -25.81
C GLU B 286 -0.01 13.93 -24.42
N LYS B 287 0.18 12.74 -23.85
CA LYS B 287 -0.34 12.43 -22.52
C LYS B 287 0.79 12.48 -21.53
N ILE B 288 0.48 12.90 -20.30
CA ILE B 288 1.49 12.96 -19.25
C ILE B 288 1.28 11.89 -18.19
N PHE B 289 0.21 11.11 -18.30
CA PHE B 289 -0.01 9.91 -17.52
C PHE B 289 -0.88 8.97 -18.35
N SER B 290 -1.00 7.73 -17.90
CA SER B 290 -1.61 6.67 -18.70
C SER B 290 -3.11 6.54 -18.43
N GLN B 291 -3.78 5.72 -19.26
CA GLN B 291 -5.18 5.36 -19.01
C GLN B 291 -5.36 4.80 -17.61
N ARG B 292 -4.48 3.88 -17.21
CA ARG B 292 -4.60 3.26 -15.90
C ARG B 292 -4.37 4.29 -14.79
N ASP B 293 -3.42 5.19 -15.00
CA ASP B 293 -3.19 6.27 -14.04
C ASP B 293 -4.47 7.08 -13.82
N TYR B 294 -5.13 7.43 -14.94
CA TYR B 294 -6.37 8.19 -14.88
C TYR B 294 -7.43 7.46 -14.06
N GLU B 295 -7.61 6.17 -14.31
CA GLU B 295 -8.57 5.39 -13.56
C GLU B 295 -8.21 5.34 -12.08
N LEU B 296 -6.92 5.21 -11.75
CA LEU B 296 -6.52 5.19 -10.35
C LEU B 296 -6.76 6.53 -9.67
N PHE B 297 -6.58 7.64 -10.40
CA PHE B 297 -6.90 8.94 -9.81
C PHE B 297 -8.38 8.99 -9.42
N LEU B 298 -9.25 8.54 -10.32
CA LEU B 298 -10.69 8.63 -10.06
C LEU B 298 -11.09 7.75 -8.90
N SER B 299 -10.56 6.52 -8.84
CA SER B 299 -10.96 5.64 -7.75
C SER B 299 -10.37 6.11 -6.42
N SER B 300 -9.14 6.64 -6.42
CA SER B 300 -8.60 7.18 -5.17
C SER B 300 -9.46 8.34 -4.67
N LEU B 301 -9.90 9.19 -5.59
CA LEU B 301 -10.74 10.33 -5.21
C LEU B 301 -12.09 9.88 -4.70
N SER B 302 -12.72 8.89 -5.36
CA SER B 302 -14.04 8.48 -4.89
C SER B 302 -13.94 7.72 -3.58
N ASP B 303 -12.83 7.00 -3.34
CA ASP B 303 -12.63 6.37 -2.04
C ASP B 303 -12.44 7.41 -0.93
N THR B 304 -11.68 8.46 -1.21
CA THR B 304 -11.48 9.51 -0.20
C THR B 304 -12.78 10.24 0.09
N MET B 305 -13.60 10.44 -0.95
CA MET B 305 -14.91 11.06 -0.79
C MET B 305 -15.75 10.31 0.24
N LEU B 306 -15.71 8.98 0.21
CA LEU B 306 -16.52 8.22 1.17
C LEU B 306 -15.87 8.11 2.54
N LYS B 307 -14.55 7.93 2.58
CA LYS B 307 -13.88 7.76 3.88
C LYS B 307 -13.83 9.08 4.64
N ASN B 308 -13.82 10.20 3.92
CA ASN B 308 -13.67 11.53 4.52
C ASN B 308 -14.79 12.42 3.98
N PRO B 309 -16.02 12.24 4.47
CA PRO B 309 -17.15 12.97 3.89
C PRO B 309 -17.07 14.47 4.03
N GLU B 310 -16.29 14.97 5.00
CA GLU B 310 -16.10 16.41 5.11
C GLU B 310 -15.47 17.00 3.85
N LEU B 311 -14.85 16.17 3.01
CA LEU B 311 -14.21 16.60 1.78
C LEU B 311 -14.99 16.22 0.54
N SER B 312 -16.24 15.76 0.70
CA SER B 312 -16.91 15.13 -0.45
C SER B 312 -17.12 16.12 -1.59
N VAL B 313 -17.49 17.36 -1.29
CA VAL B 313 -17.66 18.34 -2.36
C VAL B 313 -16.36 18.58 -3.10
N GLN B 314 -15.25 18.70 -2.37
CA GLN B 314 -13.97 18.99 -3.00
C GLN B 314 -13.44 17.79 -3.77
N ALA B 315 -13.66 16.57 -3.26
CA ALA B 315 -13.27 15.38 -4.02
C ALA B 315 -14.09 15.27 -5.31
N ARG B 316 -15.39 15.55 -5.23
CA ARG B 316 -16.21 15.56 -6.44
C ARG B 316 -15.71 16.59 -7.45
N SER B 317 -15.36 17.78 -6.97
CA SER B 317 -14.88 18.81 -7.89
C SER B 317 -13.66 18.33 -8.67
N LEU B 318 -12.75 17.62 -7.99
CA LEU B 318 -11.55 17.14 -8.68
C LEU B 318 -11.86 15.94 -9.58
N ILE B 319 -12.80 15.08 -9.17
CA ILE B 319 -13.26 14.04 -10.07
C ILE B 319 -13.78 14.64 -11.37
N MET B 320 -14.59 15.70 -11.26
CA MET B 320 -15.17 16.28 -12.46
C MET B 320 -14.13 17.01 -13.29
N GLU B 321 -13.09 17.53 -12.64
CA GLU B 321 -12.00 18.16 -13.38
C GLU B 321 -11.31 17.14 -14.29
N PHE B 322 -11.03 15.96 -13.76
CA PHE B 322 -10.43 14.90 -14.58
C PHE B 322 -11.42 14.38 -15.61
N TRP B 323 -12.69 14.23 -15.23
CA TRP B 323 -13.70 13.69 -16.14
C TRP B 323 -13.89 14.60 -17.35
N GLU B 324 -13.90 15.91 -17.14
CA GLU B 324 -14.27 16.80 -18.22
C GLU B 324 -13.08 17.48 -18.88
N CYS B 325 -11.86 17.15 -18.48
CA CYS B 325 -10.70 17.73 -19.14
C CYS B 325 -10.63 17.27 -20.58
N GLY B 326 -10.64 18.24 -21.53
CA GLY B 326 -10.77 17.89 -22.94
C GLY B 326 -9.65 17.00 -23.45
N SER B 327 -8.42 17.24 -22.99
CA SER B 327 -7.30 16.44 -23.47
C SER B 327 -7.37 14.99 -22.99
N LEU B 328 -8.25 14.68 -22.03
CA LEU B 328 -8.40 13.35 -21.47
C LEU B 328 -9.65 12.63 -21.96
N TYR B 329 -10.31 13.16 -23.00
CA TYR B 329 -11.54 12.55 -23.49
C TYR B 329 -11.36 11.08 -23.85
N GLN B 330 -10.25 10.74 -24.49
CA GLN B 330 -9.98 9.34 -24.81
C GLN B 330 -10.01 8.46 -23.57
N TYR B 331 -9.44 8.98 -22.47
CA TYR B 331 -9.40 8.23 -21.22
C TYR B 331 -10.80 8.11 -20.62
N ARG B 332 -11.56 9.20 -20.67
CA ARG B 332 -12.92 9.19 -20.18
C ARG B 332 -13.76 8.12 -20.88
N LYS B 333 -13.64 8.04 -22.21
CA LYS B 333 -14.41 7.07 -22.97
C LYS B 333 -13.99 5.64 -22.62
N ALA B 334 -12.68 5.39 -22.55
CA ALA B 334 -12.23 4.04 -22.21
C ALA B 334 -12.62 3.68 -20.78
N ALA B 335 -12.75 4.67 -19.90
CA ALA B 335 -13.13 4.41 -18.51
C ALA B 335 -14.55 3.92 -18.34
N VAL B 336 -15.42 4.07 -19.35
CA VAL B 336 -16.80 3.59 -19.28
C VAL B 336 -17.04 2.42 -20.24
N ASN B 337 -15.99 1.81 -20.79
CA ASN B 337 -16.11 0.69 -21.73
C ASN B 337 -16.15 -0.62 -20.94
N THR B 338 -17.21 -1.40 -21.14
CA THR B 338 -17.41 -2.66 -20.42
C THR B 338 -16.68 -3.82 -21.12
N SER B 339 -15.96 -4.65 -20.34
CA SER B 339 -15.34 -5.86 -20.89
C SER B 339 -15.10 -6.90 -19.80
N ASN B 340 -15.36 -8.17 -20.12
CA ASN B 340 -15.21 -9.30 -19.19
C ASN B 340 -15.97 -9.06 -17.89
N TYR B 341 -17.19 -8.51 -18.01
CA TYR B 341 -18.06 -8.24 -16.87
C TYR B 341 -17.42 -7.26 -15.90
N THR B 342 -16.63 -6.33 -16.42
CA THR B 342 -16.05 -5.26 -15.62
C THR B 342 -16.06 -3.97 -16.43
N VAL B 343 -16.22 -2.85 -15.73
CA VAL B 343 -16.09 -1.53 -16.34
C VAL B 343 -15.21 -0.74 -15.39
N PRO B 344 -14.19 -0.04 -15.89
CA PRO B 344 -13.15 0.51 -14.99
C PRO B 344 -13.66 1.48 -13.94
N THR B 345 -14.79 2.14 -14.17
CA THR B 345 -15.32 3.14 -13.26
C THR B 345 -16.55 2.67 -12.49
N SER B 346 -16.82 1.36 -12.45
CA SER B 346 -18.02 0.90 -11.73
C SER B 346 -17.98 1.33 -10.27
N GLY B 347 -16.83 1.24 -9.64
CA GLY B 347 -16.72 1.68 -8.25
C GLY B 347 -16.90 3.17 -8.08
N VAL B 348 -16.40 3.96 -9.04
CA VAL B 348 -16.59 5.41 -8.98
C VAL B 348 -18.07 5.76 -9.04
N PHE B 349 -18.80 5.19 -10.02
CA PHE B 349 -20.25 5.41 -10.08
C PHE B 349 -20.93 4.95 -8.81
N ALA B 350 -20.56 3.76 -8.33
CA ALA B 350 -21.18 3.26 -7.10
C ALA B 350 -20.91 4.20 -5.93
N GLU B 351 -19.67 4.69 -5.82
CA GLU B 351 -19.35 5.53 -4.67
C GLU B 351 -20.00 6.91 -4.79
N LEU B 352 -20.13 7.45 -6.00
CA LEU B 352 -20.90 8.69 -6.14
C LEU B 352 -22.34 8.50 -5.73
N ILE B 353 -22.95 7.36 -6.07
CA ILE B 353 -24.33 7.11 -5.65
C ILE B 353 -24.42 6.99 -4.14
N VAL B 354 -23.49 6.27 -3.52
CA VAL B 354 -23.49 6.16 -2.06
C VAL B 354 -23.35 7.55 -1.42
N ASN B 355 -22.46 8.39 -1.97
CA ASN B 355 -22.26 9.73 -1.44
C ASN B 355 -23.54 10.55 -1.55
N TRP B 356 -24.20 10.48 -2.70
CA TRP B 356 -25.41 11.25 -2.93
C TRP B 356 -26.48 10.90 -1.89
N ARG B 357 -26.57 9.63 -1.50
CA ARG B 357 -27.63 9.19 -0.60
C ARG B 357 -27.24 9.14 0.88
N ARG B 358 -26.03 9.58 1.26
CA ARG B 358 -25.60 9.51 2.65
C ARG B 358 -26.47 10.37 3.55
N GLU B 359 -26.70 9.89 4.79
CA GLU B 359 -27.48 10.67 5.74
C GLU B 359 -26.74 10.99 7.03
N ASP B 360 -25.47 10.61 7.15
CA ASP B 360 -24.72 10.86 8.39
C ASP B 360 -24.09 12.24 8.45
N ILE B 361 -24.08 12.97 7.34
CA ILE B 361 -23.51 14.31 7.28
C ILE B 361 -24.58 15.29 6.81
N TYR B 362 -24.47 16.54 7.23
CA TYR B 362 -25.43 17.54 6.79
C TYR B 362 -25.22 17.87 5.31
N LYS B 363 -26.31 17.91 4.55
CA LYS B 363 -26.25 18.45 3.20
C LYS B 363 -27.60 19.01 2.81
N THR B 364 -27.58 20.10 2.04
CA THR B 364 -28.79 20.77 1.60
C THR B 364 -29.45 20.00 0.47
N ASP B 365 -30.76 20.25 0.30
CA ASP B 365 -31.47 19.71 -0.86
C ASP B 365 -30.84 20.18 -2.16
N GLU B 366 -30.34 21.41 -2.18
CA GLU B 366 -29.70 21.93 -3.39
C GLU B 366 -28.41 21.16 -3.71
N GLU B 367 -27.61 20.83 -2.69
CA GLU B 367 -26.39 20.06 -2.96
C GLU B 367 -26.72 18.64 -3.43
N LYS B 368 -27.76 18.02 -2.87
CA LYS B 368 -28.16 16.70 -3.35
C LYS B 368 -28.57 16.72 -4.82
N GLU B 369 -29.28 17.78 -5.24
CA GLU B 369 -29.65 17.86 -6.66
C GLU B 369 -28.43 18.06 -7.55
N ILE B 370 -27.43 18.79 -7.08
CA ILE B 370 -26.20 18.93 -7.85
C ILE B 370 -25.52 17.58 -8.00
N GLU B 371 -25.46 16.79 -6.92
CA GLU B 371 -24.86 15.46 -6.97
C GLU B 371 -25.62 14.54 -7.92
N LYS B 372 -26.96 14.59 -7.88
CA LYS B 372 -27.76 13.73 -8.76
C LYS B 372 -27.48 14.05 -10.23
N LYS B 373 -27.47 15.33 -10.58
CA LYS B 373 -27.23 15.72 -11.97
C LYS B 373 -25.85 15.28 -12.46
N GLU B 374 -24.83 15.40 -11.62
CA GLU B 374 -23.49 14.93 -11.98
C GLU B 374 -23.52 13.45 -12.36
N ILE B 375 -24.20 12.64 -11.54
CA ILE B 375 -24.26 11.20 -11.79
C ILE B 375 -25.00 10.94 -13.09
N LEU B 376 -26.15 11.60 -13.28
CA LEU B 376 -26.92 11.41 -14.51
C LEU B 376 -26.10 11.78 -15.74
N ASP B 377 -25.34 12.87 -15.66
CA ASP B 377 -24.52 13.28 -16.80
C ASP B 377 -23.46 12.25 -17.12
N MET B 378 -22.88 11.63 -16.10
CA MET B 378 -21.89 10.58 -16.35
C MET B 378 -22.55 9.34 -16.95
N MET B 379 -23.72 8.96 -16.43
CA MET B 379 -24.42 7.81 -17.00
C MET B 379 -24.82 8.07 -18.44
N SER B 380 -25.27 9.30 -18.72
CA SER B 380 -25.65 9.65 -20.09
C SER B 380 -24.47 9.49 -21.04
N PHE B 381 -23.28 9.85 -20.57
CA PHE B 381 -22.07 9.70 -21.37
C PHE B 381 -21.75 8.24 -21.63
N ALA B 382 -21.85 7.39 -20.61
CA ALA B 382 -21.61 5.97 -20.82
C ALA B 382 -22.59 5.41 -21.85
N LYS B 383 -23.85 5.85 -21.81
CA LYS B 383 -24.84 5.35 -22.76
C LYS B 383 -24.52 5.80 -24.19
N ASP B 384 -24.08 7.04 -24.36
CA ASP B 384 -23.77 7.55 -25.69
C ASP B 384 -22.52 6.91 -26.27
N CYS B 385 -21.52 6.60 -25.43
CA CYS B 385 -20.27 6.04 -25.96
C CYS B 385 -20.46 4.62 -26.46
N PHE B 386 -21.26 3.83 -25.74
CA PHE B 386 -21.40 2.40 -26.03
C PHE B 386 -22.86 2.03 -25.86
N PRO B 387 -23.74 2.49 -26.78
CA PRO B 387 -25.17 2.18 -26.61
C PRO B 387 -25.45 0.69 -26.58
N GLU B 388 -24.70 -0.09 -27.35
CA GLU B 388 -24.93 -1.53 -27.41
C GLU B 388 -24.51 -2.25 -26.14
N LYS B 389 -23.72 -1.60 -25.28
CA LYS B 389 -23.26 -2.21 -24.04
C LYS B 389 -23.94 -1.65 -22.80
N PHE B 390 -24.87 -0.71 -22.95
CA PHE B 390 -25.38 -0.01 -21.79
C PHE B 390 -26.20 -0.93 -20.89
N GLU B 391 -26.86 -1.96 -21.46
CA GLU B 391 -27.59 -2.88 -20.59
C GLU B 391 -26.64 -3.60 -19.63
N LEU B 392 -25.48 -4.04 -20.13
CA LEU B 392 -24.49 -4.66 -19.26
C LEU B 392 -23.90 -3.65 -18.29
N PHE B 393 -23.60 -2.44 -18.77
CA PHE B 393 -23.12 -1.37 -17.90
C PHE B 393 -24.05 -1.18 -16.72
N LYS B 394 -25.37 -1.13 -16.97
CA LYS B 394 -26.32 -0.93 -15.88
C LYS B 394 -26.25 -2.08 -14.87
N LYS B 395 -26.25 -3.32 -15.37
CA LYS B 395 -26.19 -4.48 -14.49
C LYS B 395 -24.94 -4.44 -13.60
N LEU B 396 -23.81 -4.01 -14.15
CA LEU B 396 -22.57 -4.03 -13.38
C LEU B 396 -22.53 -2.95 -12.30
N ILE B 397 -23.05 -1.76 -12.61
CA ILE B 397 -23.16 -0.70 -11.60
C ILE B 397 -24.07 -1.14 -10.46
N ILE B 398 -25.23 -1.70 -10.82
CA ILE B 398 -26.19 -2.15 -9.82
C ILE B 398 -25.58 -3.25 -8.97
N ARG B 399 -24.86 -4.18 -9.61
CA ARG B 399 -24.17 -5.25 -8.89
C ARG B 399 -23.11 -4.70 -7.96
N ASP B 400 -22.37 -3.69 -8.39
CA ASP B 400 -21.35 -3.09 -7.51
C ASP B 400 -21.99 -2.47 -6.28
N LEU B 401 -23.16 -1.84 -6.45
CA LEU B 401 -23.85 -1.21 -5.33
C LEU B 401 -24.42 -2.22 -4.35
N ARG B 402 -24.97 -3.33 -4.85
CA ARG B 402 -25.64 -4.26 -3.94
C ARG B 402 -24.69 -5.21 -3.24
N LEU B 403 -23.60 -5.63 -3.89
CA LEU B 403 -22.77 -6.67 -3.34
C LEU B 403 -21.67 -6.17 -2.41
N CYS B 404 -21.31 -4.89 -2.50
CA CYS B 404 -20.17 -4.33 -1.79
C CYS B 404 -20.62 -3.43 -0.64
N GLY B 405 -19.97 -3.59 0.51
CA GLY B 405 -20.19 -2.73 1.65
C GLY B 405 -19.20 -1.58 1.74
N ARG B 406 -19.67 -0.36 1.48
CA ARG B 406 -18.82 0.82 1.46
C ARG B 406 -19.10 1.72 2.65
N GLU B 407 -18.16 2.63 2.91
CA GLU B 407 -18.38 3.65 3.93
C GLU B 407 -19.56 4.53 3.55
N GLY B 408 -20.39 4.87 4.54
CA GLY B 408 -21.53 5.73 4.28
C GLY B 408 -22.78 5.02 3.79
N LYS B 409 -22.72 3.71 3.61
CA LYS B 409 -23.87 2.97 3.09
C LYS B 409 -24.82 2.65 4.24
N ARG B 410 -26.08 3.04 4.09
CA ARG B 410 -27.09 2.87 5.12
C ARG B 410 -27.60 1.44 5.19
N VAL B 411 -27.84 0.97 6.42
CA VAL B 411 -28.31 -0.39 6.68
C VAL B 411 -29.76 -0.53 6.21
N ASN B 412 -30.11 -1.71 5.69
CA ASN B 412 -31.48 -2.00 5.25
C ASN B 412 -31.94 -1.03 4.17
N VAL B 413 -31.02 -0.70 3.26
CA VAL B 413 -31.32 0.07 2.06
C VAL B 413 -30.75 -0.68 0.86
N ASP B 414 -31.60 -0.92 -0.15
CA ASP B 414 -31.17 -1.53 -1.40
C ASP B 414 -30.63 -0.42 -2.30
N TYR B 415 -29.31 -0.28 -2.33
CA TYR B 415 -28.74 0.80 -3.13
C TYR B 415 -28.84 0.53 -4.62
N GLY B 416 -29.03 -0.73 -5.03
CA GLY B 416 -29.30 -1.00 -6.43
C GLY B 416 -30.52 -0.27 -6.94
N LEU B 417 -31.53 -0.07 -6.08
CA LEU B 417 -32.73 0.63 -6.52
C LEU B 417 -32.47 2.09 -6.85
N PHE B 418 -31.53 2.73 -6.14
CA PHE B 418 -31.19 4.11 -6.48
C PHE B 418 -30.60 4.18 -7.88
N ALA B 419 -29.72 3.24 -8.23
CA ALA B 419 -29.18 3.20 -9.59
C ALA B 419 -30.30 2.94 -10.60
N GLU B 420 -31.22 2.02 -10.30
CA GLU B 420 -32.32 1.76 -11.23
C GLU B 420 -33.18 2.99 -11.44
N GLU B 421 -33.41 3.75 -10.38
CA GLU B 421 -34.25 4.95 -10.49
C GLU B 421 -33.58 6.00 -11.37
N LEU B 422 -32.26 6.15 -11.23
CA LEU B 422 -31.51 7.06 -12.10
C LEU B 422 -31.55 6.60 -13.55
N PHE B 423 -31.29 5.30 -13.79
CA PHE B 423 -31.34 4.80 -15.16
C PHE B 423 -32.72 5.01 -15.77
N SER B 424 -33.78 4.83 -14.99
CA SER B 424 -35.13 5.03 -15.49
C SER B 424 -35.38 6.48 -15.86
N GLU B 425 -34.94 7.40 -15.01
CA GLU B 425 -35.07 8.82 -15.33
C GLU B 425 -34.28 9.18 -16.58
N LEU B 426 -33.10 8.58 -16.76
CA LEU B 426 -32.31 8.83 -17.95
C LEU B 426 -33.06 8.40 -19.20
N GLU B 427 -33.59 7.17 -19.17
CA GLU B 427 -34.30 6.62 -20.31
C GLU B 427 -35.58 7.38 -20.61
N LYS B 428 -36.18 8.05 -19.63
CA LYS B 428 -37.44 8.73 -19.86
C LYS B 428 -37.28 10.21 -20.16
N THR B 429 -36.11 10.79 -19.90
CA THR B 429 -35.92 12.23 -20.04
C THR B 429 -34.86 12.60 -21.08
N ILE B 430 -34.11 11.64 -21.62
CA ILE B 430 -32.96 11.94 -22.49
C ILE B 430 -33.05 11.10 -23.75
N LEU B 431 -33.04 11.76 -24.91
CA LEU B 431 -32.95 11.15 -26.24
C LEU B 431 -33.92 9.98 -26.47
#